data_9C2K
#
_entry.id   9C2K
#
_cell.length_a   72.359
_cell.length_b   76.238
_cell.length_c   82.599
_cell.angle_alpha   116.560
_cell.angle_beta   94.910
_cell.angle_gamma   102.750
#
_symmetry.space_group_name_H-M   'P 1'
#
loop_
_entity.id
_entity.type
_entity.pdbx_description
1 polymer 'BL3-6 Fab heavy chain'
2 polymer 'BL3-6 Fab light chain'
3 polymer 'Rev Response Element'
4 non-polymer GLYCEROL
5 non-polymer 'PHOSPHATE ION'
6 non-polymer 'MAGNESIUM ION'
7 water water
#
loop_
_entity_poly.entity_id
_entity_poly.type
_entity_poly.pdbx_seq_one_letter_code
_entity_poly.pdbx_strand_id
1 'polypeptide(L)'
;EISEVQLVESGGGLVQPGGSLRLSCAASGFYISYSSIHWVRQAPGKGLEWVASISPYSGSTYYADSVKGRFTISADTSKN
TAYLQMNSLRAEDTAVYYCARQGYRRRSGRGFDYWGQGTLVTVSSASTKGPSVFPLAPSSKSTSGGTAALGCLVKDYFPE
PVTVSWNSGALTSGVHTFPAVLQSSGLYSLSSVVTVPSSSLGTQTYICNVNHKPSNTKVDKKVEPKSCDKTHT
;
H,A
2 'polypeptide(L)'
;SDIQMTQSPSSLSASVGDRVTITCRASQSVSSAVAWYQQKPGKAPKLLIYSASSLYSGVPSRFSGSRSGTDFTLTISSLQ
PEDFATYYCQQSYSFPSTFGQGTKVEIKRTVAAPSVFIFPPSDEQLKSGTASVVCLLNNFYPREAKVQWKVDNALQSGNS
QESVTEQDSKDSTYSLSSTLTLSKADYEKHKVYACEVTHQGLSSPVTKSFNRGEC
;
L,B
3 'polyribonucleotide' GGCACUAUGGGCGCAGCGUCAAUGACGCUGACGGUACAGGCCAGACAAGAAACACUUGUCUGAUAUAGUGCC R,C
#
loop_
_chem_comp.id
_chem_comp.type
_chem_comp.name
_chem_comp.formula
A RNA linking ADENOSINE-5'-MONOPHOSPHATE 'C10 H14 N5 O7 P'
C RNA linking CYTIDINE-5'-MONOPHOSPHATE 'C9 H14 N3 O8 P'
G RNA linking GUANOSINE-5'-MONOPHOSPHATE 'C10 H14 N5 O8 P'
GOL non-polymer GLYCEROL 'C3 H8 O3'
MG non-polymer 'MAGNESIUM ION' 'Mg 2'
PO4 non-polymer 'PHOSPHATE ION' 'O4 P -3'
U RNA linking URIDINE-5'-MONOPHOSPHATE 'C9 H13 N2 O9 P'
#
# COMPACT_ATOMS: atom_id res chain seq x y z
N SER A 3 9.19 -1.93 31.88
CA SER A 3 8.52 -3.22 31.90
C SER A 3 7.29 -3.22 32.80
N GLU A 4 7.41 -2.46 33.89
CA GLU A 4 6.46 -2.54 34.99
C GLU A 4 5.17 -1.78 34.72
N VAL A 5 5.09 -1.06 33.61
CA VAL A 5 3.84 -0.40 33.23
C VAL A 5 2.82 -1.47 32.89
N GLN A 6 1.60 -1.32 33.41
CA GLN A 6 0.54 -2.27 33.14
C GLN A 6 -0.79 -1.55 33.31
N LEU A 7 -1.81 -2.04 32.61
CA LEU A 7 -3.18 -1.55 32.68
C LEU A 7 -4.12 -2.72 32.87
N VAL A 8 -5.04 -2.61 33.82
CA VAL A 8 -5.98 -3.69 34.07
C VAL A 8 -7.39 -3.15 34.01
N GLU A 9 -8.09 -3.50 32.95
CA GLU A 9 -9.50 -3.17 32.86
C GLU A 9 -10.30 -4.05 33.80
N SER A 10 -11.39 -3.51 34.33
CA SER A 10 -12.30 -4.35 35.08
C SER A 10 -13.67 -3.71 35.08
N GLY A 11 -14.67 -4.48 35.52
CA GLY A 11 -16.04 -4.02 35.57
C GLY A 11 -16.95 -4.51 34.46
N GLY A 12 -16.42 -5.26 33.49
CA GLY A 12 -17.27 -5.76 32.44
C GLY A 12 -18.29 -6.78 32.94
N GLY A 13 -19.23 -7.09 32.07
CA GLY A 13 -20.27 -8.07 32.37
C GLY A 13 -21.38 -7.99 31.35
N LEU A 14 -22.39 -8.82 31.60
CA LEU A 14 -23.66 -8.79 30.88
C LEU A 14 -24.47 -7.57 31.32
N VAL A 15 -25.28 -7.04 30.42
CA VAL A 15 -26.16 -5.93 30.75
C VAL A 15 -27.24 -5.84 29.68
N GLN A 16 -28.45 -5.51 30.11
CA GLN A 16 -29.57 -5.38 29.19
C GLN A 16 -29.52 -4.08 28.40
N PRO A 17 -30.13 -4.06 27.21
CA PRO A 17 -30.19 -2.81 26.45
C PRO A 17 -30.85 -1.71 27.26
N GLY A 18 -30.31 -0.50 27.12
CA GLY A 18 -30.75 0.61 27.92
C GLY A 18 -30.08 0.68 29.27
N GLY A 19 -29.27 -0.31 29.62
CA GLY A 19 -28.64 -0.34 30.91
C GLY A 19 -27.33 0.40 30.91
N SER A 20 -26.69 0.37 32.07
CA SER A 20 -25.48 1.13 32.30
C SER A 20 -24.48 0.24 33.01
N LEU A 21 -23.21 0.57 32.84
CA LEU A 21 -22.10 -0.17 33.40
C LEU A 21 -20.92 0.80 33.53
N ARG A 22 -20.09 0.62 34.57
CA ARG A 22 -18.90 1.45 34.73
C ARG A 22 -17.65 0.60 34.70
N LEU A 23 -16.84 0.76 33.67
CA LEU A 23 -15.55 0.08 33.58
C LEU A 23 -14.48 0.89 34.30
N SER A 24 -13.48 0.18 34.81
CA SER A 24 -12.36 0.80 35.47
C SER A 24 -11.09 0.43 34.74
N CYS A 25 -10.02 1.17 35.03
CA CYS A 25 -8.75 0.96 34.36
C CYS A 25 -7.67 1.28 35.38
N ALA A 26 -7.12 0.24 35.99
CA ALA A 26 -6.12 0.39 37.05
C ALA A 26 -4.75 0.45 36.41
N ALA A 27 -4.11 1.59 36.56
CA ALA A 27 -2.78 1.77 36.02
C ALA A 27 -1.77 1.41 37.06
N SER A 28 -0.61 0.96 36.61
CA SER A 28 0.47 0.72 37.53
C SER A 28 1.78 0.78 36.77
N GLY A 29 2.84 1.13 37.51
CA GLY A 29 4.13 1.44 36.92
C GLY A 29 4.29 2.89 36.48
N PHE A 30 3.26 3.71 36.63
CA PHE A 30 3.36 5.11 36.23
C PHE A 30 2.21 5.86 36.84
N TYR A 31 2.41 7.16 37.00
CA TYR A 31 1.36 8.04 37.50
C TYR A 31 0.44 8.44 36.37
N ILE A 32 -0.85 8.19 36.56
CA ILE A 32 -1.81 8.37 35.49
C ILE A 32 -2.08 9.84 35.21
N SER A 33 -1.56 10.74 36.04
CA SER A 33 -1.84 12.15 35.87
C SER A 33 -1.12 12.77 34.69
N TYR A 34 -0.02 12.16 34.22
CA TYR A 34 0.83 12.77 33.20
C TYR A 34 0.64 12.16 31.81
N SER A 35 -0.42 11.43 31.60
CA SER A 35 -0.67 10.78 30.32
C SER A 35 -2.10 11.04 29.86
N SER A 36 -2.28 10.92 28.56
CA SER A 36 -3.61 10.74 27.99
C SER A 36 -4.01 9.26 28.09
N ILE A 37 -5.23 9.01 28.55
CA ILE A 37 -5.78 7.67 28.65
C ILE A 37 -6.93 7.53 27.64
N HIS A 38 -6.91 6.46 26.86
CA HIS A 38 -7.98 6.23 25.89
C HIS A 38 -8.76 4.96 26.20
N TRP A 39 -9.96 4.86 25.63
CA TRP A 39 -10.69 3.60 25.55
C TRP A 39 -10.84 3.16 24.10
N VAL A 40 -10.59 1.89 23.85
CA VAL A 40 -10.70 1.33 22.52
C VAL A 40 -11.49 0.02 22.61
N ARG A 41 -12.46 -0.16 21.74
CA ARG A 41 -13.28 -1.36 21.81
C ARG A 41 -13.17 -2.16 20.54
N GLN A 42 -13.53 -3.44 20.67
CA GLN A 42 -13.44 -4.39 19.57
C GLN A 42 -14.62 -5.32 19.70
N ALA A 43 -15.59 -5.13 18.84
CA ALA A 43 -16.70 -6.06 18.75
C ALA A 43 -16.17 -7.42 18.34
N PRO A 44 -16.80 -8.49 18.78
CA PRO A 44 -16.30 -9.85 18.43
C PRO A 44 -16.13 -10.02 16.93
N GLY A 45 -14.91 -10.39 16.52
CA GLY A 45 -14.62 -10.64 15.12
C GLY A 45 -14.41 -9.41 14.27
N LYS A 46 -14.55 -8.21 14.83
CA LYS A 46 -14.41 -6.95 14.12
C LYS A 46 -13.08 -6.28 14.46
N GLY A 47 -12.85 -5.07 13.96
CA GLY A 47 -11.64 -4.33 14.23
C GLY A 47 -11.74 -3.35 15.38
N LEU A 48 -10.68 -2.58 15.56
CA LEU A 48 -10.59 -1.68 16.71
C LEU A 48 -11.46 -0.46 16.49
N GLU A 49 -12.07 0.03 17.56
CA GLU A 49 -12.86 1.24 17.43
C GLU A 49 -12.58 2.16 18.60
N TRP A 50 -12.04 3.34 18.30
CA TRP A 50 -11.72 4.30 19.35
C TRP A 50 -13.02 4.84 19.96
N VAL A 51 -13.05 4.95 21.28
CA VAL A 51 -14.26 5.31 22.01
C VAL A 51 -14.16 6.70 22.66
N ALA A 52 -13.09 6.92 23.43
CA ALA A 52 -12.98 8.13 24.26
C ALA A 52 -11.58 8.31 24.78
N SER A 53 -11.29 9.52 25.23
CA SER A 53 -9.97 9.79 25.77
C SER A 53 -10.05 10.97 26.71
N ILE A 54 -9.10 11.04 27.61
CA ILE A 54 -8.97 12.13 28.54
C ILE A 54 -7.50 12.56 28.55
N SER A 55 -7.27 13.88 28.53
CA SER A 55 -6.04 14.67 28.45
C SER A 55 -5.48 14.97 29.84
N PRO A 56 -4.17 14.97 29.98
CA PRO A 56 -3.58 15.37 31.25
C PRO A 56 -3.73 16.85 31.49
N TYR A 57 -3.72 17.22 32.77
CA TYR A 57 -3.62 18.57 33.30
C TYR A 57 -4.85 19.38 32.99
N SER A 58 -5.59 19.00 31.96
CA SER A 58 -6.79 19.76 31.69
C SER A 58 -8.01 18.97 32.07
N GLY A 59 -7.89 17.64 32.00
CA GLY A 59 -9.01 16.75 32.11
C GLY A 59 -9.97 16.82 30.95
N SER A 60 -9.59 17.43 29.83
CA SER A 60 -10.48 17.50 28.69
C SER A 60 -10.79 16.11 28.15
N THR A 61 -12.03 15.93 27.71
CA THR A 61 -12.53 14.63 27.28
C THR A 61 -12.99 14.68 25.82
N TYR A 62 -12.79 13.58 25.11
CA TYR A 62 -13.18 13.45 23.71
C TYR A 62 -13.93 12.13 23.50
N TYR A 63 -14.91 12.15 22.60
CA TYR A 63 -15.75 10.98 22.43
C TYR A 63 -15.94 10.68 20.96
N ALA A 64 -16.17 9.41 20.65
CA ALA A 64 -16.54 9.04 19.30
C ALA A 64 -18.00 9.38 19.05
N ASP A 65 -18.33 9.62 17.79
CA ASP A 65 -19.71 9.93 17.44
C ASP A 65 -20.68 8.87 17.93
N SER A 66 -20.32 7.61 17.76
CA SER A 66 -21.24 6.53 18.08
C SER A 66 -21.49 6.38 19.56
N VAL A 67 -20.83 7.14 20.42
CA VAL A 67 -21.08 7.05 21.85
C VAL A 67 -21.32 8.40 22.49
N LYS A 68 -21.18 9.49 21.75
CA LYS A 68 -21.42 10.82 22.29
C LYS A 68 -22.78 10.88 22.98
N GLY A 69 -22.80 11.43 24.19
CA GLY A 69 -24.03 11.60 24.93
C GLY A 69 -24.48 10.38 25.70
N ARG A 70 -23.69 9.32 25.72
CA ARG A 70 -24.03 8.13 26.48
C ARG A 70 -22.87 7.73 27.37
N PHE A 71 -21.64 7.94 26.92
CA PHE A 71 -20.47 7.49 27.64
C PHE A 71 -19.71 8.66 28.29
N THR A 72 -19.13 8.41 29.47
CA THR A 72 -18.30 9.41 30.13
C THR A 72 -17.02 8.78 30.62
N ILE A 73 -15.92 9.23 30.09
CA ILE A 73 -14.60 8.89 30.60
C ILE A 73 -14.23 9.92 31.67
N SER A 74 -13.47 9.47 32.66
CA SER A 74 -12.96 10.32 33.73
C SER A 74 -11.76 9.62 34.36
N ALA A 75 -11.05 10.37 35.19
CA ALA A 75 -9.93 9.80 35.95
C ALA A 75 -10.06 10.21 37.40
N ASP A 76 -9.53 9.36 38.24
CA ASP A 76 -9.37 9.67 39.65
C ASP A 76 -7.89 9.45 39.91
N THR A 77 -7.13 10.53 39.92
CA THR A 77 -5.68 10.38 39.96
C THR A 77 -5.20 9.94 41.33
N SER A 78 -5.99 10.17 42.38
CA SER A 78 -5.67 9.66 43.70
C SER A 78 -5.78 8.13 43.79
N LYS A 79 -6.58 7.52 42.92
CA LYS A 79 -6.66 6.06 42.80
C LYS A 79 -5.82 5.52 41.66
N ASN A 80 -5.22 6.40 40.85
CA ASN A 80 -4.40 6.02 39.68
C ASN A 80 -5.22 5.21 38.64
N THR A 81 -6.52 5.50 38.56
CA THR A 81 -7.51 4.74 37.80
C THR A 81 -8.31 5.63 36.85
N ALA A 82 -8.62 5.12 35.67
CA ALA A 82 -9.52 5.77 34.73
C ALA A 82 -10.83 5.00 34.66
N TYR A 83 -11.89 5.70 34.25
CA TYR A 83 -13.22 5.14 34.29
C TYR A 83 -13.94 5.37 32.98
N LEU A 84 -14.78 4.41 32.61
CA LEU A 84 -15.69 4.62 31.48
C LEU A 84 -17.09 4.28 31.95
N GLN A 85 -17.89 5.30 32.16
CA GLN A 85 -19.29 5.12 32.49
C GLN A 85 -20.08 4.99 31.19
N MET A 86 -20.75 3.87 31.01
CA MET A 86 -21.55 3.61 29.82
C MET A 86 -23.02 3.61 30.18
N ASN A 87 -23.81 4.40 29.46
CA ASN A 87 -25.23 4.59 29.74
C ASN A 87 -26.07 4.28 28.52
N SER A 88 -27.31 3.88 28.78
CA SER A 88 -28.27 3.42 27.76
C SER A 88 -27.53 2.62 26.69
N LEU A 89 -26.96 1.51 27.13
CA LEU A 89 -26.17 0.68 26.24
C LEU A 89 -27.06 -0.01 25.23
N ARG A 90 -26.47 -0.35 24.09
CA ARG A 90 -27.19 -1.02 23.04
C ARG A 90 -26.39 -2.24 22.62
N ALA A 91 -27.11 -3.21 22.04
CA ALA A 91 -26.50 -4.46 21.59
C ALA A 91 -25.25 -4.19 20.75
N GLU A 92 -25.24 -3.09 20.00
CA GLU A 92 -24.06 -2.70 19.24
C GLU A 92 -22.88 -2.37 20.13
N ASP A 93 -23.09 -2.18 21.43
CA ASP A 93 -21.95 -1.87 22.28
C ASP A 93 -21.22 -3.12 22.73
N THR A 94 -21.73 -4.31 22.41
CA THR A 94 -21.06 -5.54 22.80
C THR A 94 -19.67 -5.54 22.22
N ALA A 95 -18.66 -5.59 23.09
CA ALA A 95 -17.27 -5.55 22.61
C ALA A 95 -16.32 -5.89 23.75
N VAL A 96 -15.08 -6.24 23.39
CA VAL A 96 -14.00 -6.23 24.36
C VAL A 96 -13.47 -4.80 24.48
N TYR A 97 -13.51 -4.23 25.68
CA TYR A 97 -13.13 -2.84 25.90
C TYR A 97 -11.71 -2.76 26.46
N TYR A 98 -10.83 -2.11 25.72
CA TYR A 98 -9.46 -1.86 26.12
C TYR A 98 -9.28 -0.45 26.65
N CYS A 99 -8.51 -0.31 27.71
CA CYS A 99 -7.96 0.99 28.00
C CYS A 99 -6.50 1.02 27.56
N ALA A 100 -6.07 2.16 27.00
CA ALA A 100 -4.72 2.29 26.48
C ALA A 100 -4.06 3.58 26.94
N ARG A 101 -2.75 3.50 27.14
CA ARG A 101 -1.98 4.69 27.43
C ARG A 101 -1.38 5.25 26.14
N GLN A 102 -1.69 6.48 25.84
CA GLN A 102 -0.88 7.23 24.89
C GLN A 102 0.45 7.49 25.55
N GLY A 103 1.54 7.34 24.79
CA GLY A 103 2.86 7.49 25.35
C GLY A 103 3.22 8.95 25.64
N TYR A 104 4.44 9.15 26.10
CA TYR A 104 5.00 10.47 26.28
C TYR A 104 5.43 11.02 24.93
N ARG A 105 5.16 12.30 24.68
CA ARG A 105 5.27 12.84 23.33
C ARG A 105 6.65 12.59 22.74
N ARG A 106 7.70 12.92 23.50
CA ARG A 106 9.06 12.81 23.01
C ARG A 106 9.54 11.37 22.87
N ARG A 107 8.84 10.40 23.43
CA ARG A 107 9.31 9.03 23.30
C ARG A 107 8.56 8.25 22.23
N SER A 108 7.25 8.44 22.09
CA SER A 108 6.51 7.68 21.09
C SER A 108 5.38 8.47 20.44
N GLY A 109 5.53 9.78 20.30
CA GLY A 109 4.51 10.56 19.63
C GLY A 109 3.16 10.37 20.29
N ARG A 110 2.14 10.15 19.48
CA ARG A 110 0.81 9.88 19.99
C ARG A 110 0.39 8.41 19.89
N GLY A 111 1.31 7.50 19.61
CA GLY A 111 0.95 6.09 19.56
C GLY A 111 0.58 5.58 20.95
N PHE A 112 -0.30 4.59 21.00
CA PHE A 112 -0.71 4.00 22.27
C PHE A 112 0.31 2.93 22.68
N ASP A 113 1.15 3.24 23.66
CA ASP A 113 2.30 2.36 23.89
C ASP A 113 2.02 1.22 24.87
N TYR A 114 0.98 1.33 25.71
CA TYR A 114 0.58 0.25 26.59
C TYR A 114 -0.93 0.11 26.61
N TRP A 115 -1.40 -1.15 26.51
CA TRP A 115 -2.81 -1.51 26.51
C TRP A 115 -3.07 -2.58 27.56
N GLY A 116 -4.19 -2.46 28.26
CA GLY A 116 -4.68 -3.55 29.07
C GLY A 116 -5.11 -4.74 28.24
N GLN A 117 -5.49 -5.82 28.92
CA GLN A 117 -5.93 -7.00 28.17
C GLN A 117 -7.41 -6.99 27.87
N GLY A 118 -8.13 -5.96 28.30
CA GLY A 118 -9.53 -5.74 27.96
C GLY A 118 -10.48 -6.43 28.91
N THR A 119 -11.69 -5.89 29.00
CA THR A 119 -12.80 -6.50 29.71
C THR A 119 -14.01 -6.52 28.78
N LEU A 120 -14.79 -7.60 28.86
CA LEU A 120 -15.84 -7.89 27.90
C LEU A 120 -17.18 -7.36 28.37
N VAL A 121 -17.87 -6.61 27.51
CA VAL A 121 -19.18 -6.07 27.82
C VAL A 121 -20.16 -6.71 26.86
N THR A 122 -21.18 -7.37 27.38
CA THR A 122 -22.22 -7.98 26.52
C THR A 122 -23.55 -7.31 26.84
N VAL A 123 -24.19 -6.76 25.81
CA VAL A 123 -25.51 -6.17 25.93
C VAL A 123 -26.48 -7.05 25.14
N SER A 124 -27.46 -7.61 25.84
CA SER A 124 -28.42 -8.47 25.17
C SER A 124 -29.72 -8.52 25.97
N SER A 125 -30.81 -8.80 25.25
CA SER A 125 -32.09 -9.09 25.88
C SER A 125 -32.19 -10.55 26.29
N ALA A 126 -31.27 -11.38 25.80
CA ALA A 126 -31.37 -12.81 26.00
C ALA A 126 -31.30 -13.18 27.48
N SER A 127 -32.06 -14.19 27.86
CA SER A 127 -31.97 -14.83 29.16
C SER A 127 -30.93 -15.94 29.10
N THR A 128 -30.48 -16.38 30.26
CA THR A 128 -29.56 -17.52 30.33
C THR A 128 -30.27 -18.76 29.83
N LYS A 129 -29.60 -19.52 28.98
CA LYS A 129 -30.27 -20.65 28.36
C LYS A 129 -29.25 -21.69 27.92
N GLY A 130 -29.36 -22.90 28.46
CA GLY A 130 -28.51 -23.99 28.06
C GLY A 130 -28.78 -24.42 26.64
N PRO A 131 -27.79 -25.03 26.01
CA PRO A 131 -27.93 -25.40 24.61
C PRO A 131 -28.74 -26.66 24.42
N SER A 132 -29.37 -26.75 23.26
CA SER A 132 -29.79 -28.04 22.75
C SER A 132 -28.64 -28.60 21.93
N VAL A 133 -28.36 -29.89 22.11
CA VAL A 133 -27.30 -30.56 21.37
C VAL A 133 -27.91 -31.56 20.41
N PHE A 134 -27.50 -31.51 19.15
CA PHE A 134 -28.07 -32.37 18.12
C PHE A 134 -26.93 -33.05 17.37
N PRO A 135 -27.00 -34.37 17.18
CA PRO A 135 -25.99 -35.08 16.39
C PRO A 135 -25.96 -34.62 14.93
N LEU A 136 -24.75 -34.57 14.38
CA LEU A 136 -24.51 -34.44 12.96
C LEU A 136 -24.05 -35.81 12.59
N ALA A 137 -25.00 -36.67 12.18
CA ALA A 137 -24.71 -38.08 12.09
C ALA A 137 -23.79 -38.34 10.89
N PRO A 138 -22.78 -39.16 11.05
CA PRO A 138 -21.99 -39.57 9.89
C PRO A 138 -22.80 -40.50 8.99
N SER A 139 -22.46 -40.47 7.71
CA SER A 139 -23.11 -41.34 6.74
C SER A 139 -22.38 -41.18 5.42
N SER A 140 -22.84 -41.90 4.39
CA SER A 140 -22.60 -41.41 3.05
C SER A 140 -23.25 -40.04 3.01
N LYS A 141 -22.66 -39.13 2.24
CA LYS A 141 -22.95 -37.67 2.19
C LYS A 141 -22.14 -36.99 3.29
N SER A 142 -21.38 -37.74 4.09
CA SER A 142 -20.41 -37.07 4.93
C SER A 142 -19.10 -37.85 4.91
N THR A 143 -18.88 -38.62 3.85
CA THR A 143 -17.72 -39.48 3.66
C THR A 143 -16.89 -39.06 2.45
N SER A 144 -15.56 -39.02 2.64
CA SER A 144 -14.61 -38.64 1.58
C SER A 144 -13.54 -39.72 1.56
N GLY A 145 -13.83 -40.82 0.90
CA GLY A 145 -12.79 -41.83 0.76
C GLY A 145 -12.51 -42.55 2.05
N GLY A 146 -11.33 -42.29 2.63
CA GLY A 146 -10.96 -42.99 3.85
C GLY A 146 -11.56 -42.41 5.12
N THR A 147 -12.06 -41.18 5.06
CA THR A 147 -12.53 -40.58 6.30
C THR A 147 -13.99 -40.19 6.17
N ALA A 148 -14.64 -40.12 7.33
CA ALA A 148 -16.02 -39.66 7.46
C ALA A 148 -16.01 -38.49 8.41
N ALA A 149 -16.89 -37.54 8.17
CA ALA A 149 -17.02 -36.42 9.07
C ALA A 149 -18.25 -36.62 9.93
N LEU A 150 -18.18 -36.15 11.16
CA LEU A 150 -19.34 -36.22 12.04
C LEU A 150 -19.22 -35.12 13.06
N GLY A 151 -20.29 -34.89 13.80
CA GLY A 151 -20.30 -33.72 14.64
C GLY A 151 -21.57 -33.58 15.44
N CYS A 152 -21.63 -32.45 16.15
CA CYS A 152 -22.73 -32.05 17.01
C CYS A 152 -23.09 -30.61 16.73
N LEU A 153 -24.38 -30.33 16.67
CA LEU A 153 -24.86 -28.98 16.57
C LEU A 153 -25.25 -28.53 17.97
N VAL A 154 -24.55 -27.51 18.49
CA VAL A 154 -24.81 -26.92 19.80
C VAL A 154 -25.61 -25.65 19.58
N LYS A 155 -26.88 -25.69 19.94
CA LYS A 155 -27.86 -24.77 19.36
C LYS A 155 -28.67 -24.02 20.42
N ASP A 156 -28.82 -22.71 20.21
CA ASP A 156 -29.73 -21.84 20.97
C ASP A 156 -29.34 -21.70 22.44
N TYR A 157 -28.12 -21.23 22.69
CA TYR A 157 -27.67 -20.95 24.05
C TYR A 157 -27.27 -19.49 24.20
N PHE A 158 -27.23 -19.04 25.46
CA PHE A 158 -26.81 -17.71 25.85
C PHE A 158 -26.43 -17.73 27.32
N PRO A 159 -25.33 -17.08 27.72
CA PRO A 159 -24.42 -16.31 26.87
C PRO A 159 -23.25 -17.15 26.47
N GLU A 160 -22.28 -16.61 25.73
CA GLU A 160 -21.05 -17.33 25.51
C GLU A 160 -20.35 -17.54 26.85
N PRO A 161 -19.47 -18.54 26.95
CA PRO A 161 -19.09 -19.54 25.94
C PRO A 161 -19.66 -20.90 26.28
N VAL A 162 -19.65 -21.84 25.32
CA VAL A 162 -19.76 -23.26 25.63
C VAL A 162 -18.38 -23.87 25.49
N THR A 163 -18.20 -25.06 26.06
CA THR A 163 -17.06 -25.92 25.75
C THR A 163 -17.55 -27.25 25.20
N VAL A 164 -16.86 -27.74 24.16
CA VAL A 164 -17.20 -29.00 23.50
C VAL A 164 -15.97 -29.88 23.45
N SER A 165 -16.10 -31.11 23.97
CA SER A 165 -15.03 -32.08 23.84
C SER A 165 -15.61 -33.34 23.23
N TRP A 166 -14.74 -34.14 22.66
CA TRP A 166 -15.13 -35.42 22.10
C TRP A 166 -14.61 -36.54 22.97
N ASN A 167 -15.48 -37.51 23.26
CA ASN A 167 -15.06 -38.67 24.06
C ASN A 167 -14.37 -38.23 25.37
N SER A 168 -14.98 -37.24 26.06
CA SER A 168 -14.51 -36.72 27.34
C SER A 168 -13.07 -36.22 27.29
N GLY A 169 -12.69 -35.59 26.19
CA GLY A 169 -11.38 -35.03 26.02
C GLY A 169 -10.40 -35.93 25.30
N ALA A 170 -10.70 -37.23 25.21
CA ALA A 170 -9.75 -38.18 24.65
C ALA A 170 -9.52 -37.99 23.17
N LEU A 171 -10.47 -37.39 22.48
CA LEU A 171 -10.40 -37.22 21.04
C LEU A 171 -10.18 -35.74 20.76
N THR A 172 -9.04 -35.43 20.19
CA THR A 172 -8.72 -34.02 19.97
C THR A 172 -8.29 -33.74 18.54
N SER A 173 -7.59 -34.66 17.90
CA SER A 173 -7.11 -34.40 16.56
C SER A 173 -8.27 -34.55 15.58
N GLY A 174 -8.29 -33.67 14.58
CA GLY A 174 -9.39 -33.66 13.65
C GLY A 174 -10.62 -32.91 14.10
N VAL A 175 -10.60 -32.34 15.28
CA VAL A 175 -11.75 -31.61 15.77
C VAL A 175 -11.66 -30.18 15.23
N HIS A 176 -12.76 -29.71 14.68
CA HIS A 176 -12.99 -28.29 14.44
C HIS A 176 -14.23 -27.92 15.21
N THR A 177 -14.08 -27.09 16.20
CA THR A 177 -15.22 -26.53 16.89
C THR A 177 -15.35 -25.10 16.36
N PHE A 178 -16.43 -24.82 15.67
CA PHE A 178 -16.49 -23.58 14.93
C PHE A 178 -16.79 -22.40 15.85
N PRO A 179 -16.44 -21.19 15.43
CA PRO A 179 -16.90 -20.01 16.16
C PRO A 179 -18.41 -19.99 16.16
N ALA A 180 -18.98 -19.59 17.30
CA ALA A 180 -20.41 -19.48 17.39
C ALA A 180 -20.90 -18.28 16.57
N VAL A 181 -22.15 -18.36 16.12
CA VAL A 181 -22.78 -17.28 15.39
C VAL A 181 -23.99 -16.86 16.21
N LEU A 182 -24.26 -15.58 16.19
CA LEU A 182 -25.30 -15.02 17.01
C LEU A 182 -26.52 -14.88 16.14
N GLN A 183 -27.57 -15.62 16.47
CA GLN A 183 -28.77 -15.63 15.66
C GLN A 183 -29.66 -14.43 16.01
N SER A 184 -30.55 -14.08 15.09
CA SER A 184 -31.38 -12.91 15.30
C SER A 184 -32.32 -13.06 16.48
N SER A 185 -32.48 -14.27 17.01
CA SER A 185 -33.17 -14.43 18.28
C SER A 185 -32.33 -13.99 19.45
N GLY A 186 -31.06 -13.64 19.21
CA GLY A 186 -30.14 -13.30 20.27
C GLY A 186 -29.47 -14.47 20.96
N LEU A 187 -29.73 -15.71 20.53
CA LEU A 187 -29.08 -16.88 21.10
C LEU A 187 -27.95 -17.34 20.19
N TYR A 188 -26.96 -17.98 20.76
CA TYR A 188 -25.85 -18.39 19.94
C TYR A 188 -26.04 -19.83 19.44
N SER A 189 -25.24 -20.18 18.45
CA SER A 189 -25.25 -21.53 17.89
C SER A 189 -23.89 -21.84 17.31
N LEU A 190 -23.36 -23.01 17.62
CA LEU A 190 -22.12 -23.44 17.00
C LEU A 190 -22.28 -24.91 16.62
N SER A 191 -21.35 -25.37 15.80
CA SER A 191 -21.25 -26.79 15.50
C SER A 191 -19.82 -27.23 15.73
N SER A 192 -19.64 -28.50 16.03
CA SER A 192 -18.32 -29.06 16.23
C SER A 192 -18.26 -30.36 15.43
N VAL A 193 -17.20 -30.53 14.67
CA VAL A 193 -17.08 -31.68 13.80
C VAL A 193 -15.69 -32.28 13.87
N VAL A 194 -15.63 -33.59 13.71
CA VAL A 194 -14.35 -34.28 13.69
C VAL A 194 -14.34 -35.25 12.52
N THR A 195 -13.22 -35.34 11.81
CA THR A 195 -13.09 -36.37 10.80
C THR A 195 -12.38 -37.58 11.41
N VAL A 196 -12.81 -38.75 11.00
CA VAL A 196 -12.30 -40.02 11.53
C VAL A 196 -12.19 -40.99 10.36
N PRO A 197 -11.36 -41.99 10.50
CA PRO A 197 -11.39 -43.08 9.54
C PRO A 197 -12.77 -43.69 9.46
N SER A 198 -13.34 -43.71 8.26
CA SER A 198 -14.65 -44.31 8.10
C SER A 198 -14.66 -45.77 8.56
N SER A 199 -13.52 -46.47 8.50
CA SER A 199 -13.52 -47.86 8.96
C SER A 199 -13.80 -47.99 10.46
N SER A 200 -13.72 -46.91 11.23
CA SER A 200 -13.95 -46.98 12.68
C SER A 200 -15.37 -46.61 13.06
N LEU A 201 -16.21 -46.25 12.10
CA LEU A 201 -17.57 -45.90 12.43
C LEU A 201 -18.36 -47.07 13.02
N GLY A 202 -18.04 -48.29 12.61
CA GLY A 202 -18.69 -49.43 13.22
C GLY A 202 -18.14 -49.86 14.56
N THR A 203 -16.92 -49.45 14.89
CA THR A 203 -16.25 -50.02 16.05
C THR A 203 -16.10 -49.06 17.23
N GLN A 204 -15.96 -47.76 16.99
CA GLN A 204 -15.69 -46.81 18.07
C GLN A 204 -16.90 -45.91 18.30
N THR A 205 -17.34 -45.77 19.54
CA THR A 205 -18.36 -44.78 19.79
C THR A 205 -17.75 -43.38 19.91
N TYR A 206 -18.56 -42.38 19.59
CA TYR A 206 -18.16 -40.99 19.55
C TYR A 206 -19.22 -40.23 20.29
N ILE A 207 -18.80 -39.43 21.26
CA ILE A 207 -19.68 -38.74 22.19
C ILE A 207 -19.17 -37.32 22.33
N CYS A 208 -19.93 -36.35 21.87
CA CYS A 208 -19.53 -34.97 22.09
C CYS A 208 -20.06 -34.52 23.44
N ASN A 209 -19.17 -33.91 24.22
CA ASN A 209 -19.49 -33.48 25.57
C ASN A 209 -19.61 -31.97 25.54
N VAL A 210 -20.79 -31.47 25.81
CA VAL A 210 -21.05 -30.04 25.75
C VAL A 210 -21.34 -29.52 27.14
N ASN A 211 -20.53 -28.57 27.59
CA ASN A 211 -20.58 -28.01 28.93
C ASN A 211 -20.86 -26.52 28.81
N HIS A 212 -21.90 -26.05 29.51
CA HIS A 212 -22.28 -24.62 29.47
C HIS A 212 -22.41 -24.08 30.89
N LYS A 213 -21.30 -23.61 31.46
CA LYS A 213 -21.34 -23.21 32.87
C LYS A 213 -22.33 -22.09 33.20
N PRO A 214 -22.55 -21.05 32.36
CA PRO A 214 -23.56 -20.05 32.74
C PRO A 214 -24.88 -20.63 33.19
N SER A 215 -25.45 -21.55 32.42
CA SER A 215 -26.68 -22.20 32.83
C SER A 215 -26.42 -23.47 33.62
N ASN A 216 -25.16 -23.80 33.86
CA ASN A 216 -24.79 -24.99 34.66
C ASN A 216 -25.45 -26.23 34.08
N THR A 217 -25.11 -26.50 32.82
CA THR A 217 -25.60 -27.66 32.08
C THR A 217 -24.44 -28.43 31.47
N LYS A 218 -24.50 -29.74 31.57
CA LYS A 218 -23.55 -30.63 30.91
C LYS A 218 -24.34 -31.68 30.14
N VAL A 219 -24.03 -31.83 28.87
CA VAL A 219 -24.75 -32.70 27.95
C VAL A 219 -23.74 -33.55 27.19
N ASP A 220 -23.98 -34.86 27.15
CA ASP A 220 -23.19 -35.80 26.38
C ASP A 220 -24.10 -36.42 25.35
N LYS A 221 -23.77 -36.24 24.09
CA LYS A 221 -24.54 -36.80 22.99
C LYS A 221 -23.71 -37.87 22.31
N LYS A 222 -24.21 -39.09 22.28
CA LYS A 222 -23.65 -40.09 21.39
C LYS A 222 -24.09 -39.79 19.96
N VAL A 223 -23.14 -39.73 19.03
CA VAL A 223 -23.44 -39.51 17.62
C VAL A 223 -23.33 -40.84 16.89
N GLU A 224 -24.42 -41.26 16.24
CA GLU A 224 -24.34 -42.57 15.62
C GLU A 224 -24.47 -42.52 14.10
N PRO A 225 -23.84 -43.47 13.40
CA PRO A 225 -23.95 -43.54 11.94
C PRO A 225 -25.38 -43.77 11.46
N LYS A 226 -25.69 -43.18 10.31
CA LYS A 226 -26.92 -43.41 9.57
C LYS A 226 -26.66 -44.36 8.38
N SER A 227 -27.42 -45.46 8.32
CA SER A 227 -27.08 -46.57 7.43
C SER A 227 -28.27 -47.00 6.59
N CYS A 228 -27.96 -47.52 5.40
CA CYS A 228 -28.87 -48.26 4.51
C CYS A 228 -28.11 -48.61 3.22
N SER B 1 -16.02 16.92 9.49
CA SER B 1 -16.14 15.54 9.03
C SER B 1 -15.18 14.64 9.79
N ASP B 2 -15.55 13.38 9.97
CA ASP B 2 -14.60 12.45 10.55
C ASP B 2 -13.59 12.06 9.48
N ILE B 3 -12.32 12.01 9.88
CA ILE B 3 -11.28 11.52 8.99
C ILE B 3 -11.44 10.01 8.88
N GLN B 4 -11.50 9.52 7.66
CA GLN B 4 -11.61 8.08 7.41
C GLN B 4 -10.21 7.52 7.23
N MET B 5 -9.97 6.35 7.83
CA MET B 5 -8.77 5.58 7.52
C MET B 5 -9.22 4.29 6.86
N THR B 6 -8.74 4.04 5.65
CA THR B 6 -9.11 2.82 4.93
C THR B 6 -7.81 2.14 4.51
N GLN B 7 -7.66 0.88 4.90
CA GLN B 7 -6.46 0.09 4.62
C GLN B 7 -6.62 -0.79 3.38
N SER B 8 -5.47 -1.20 2.85
CA SER B 8 -5.40 -2.10 1.72
C SER B 8 -4.12 -2.91 1.73
N PRO B 9 -4.20 -4.22 1.44
CA PRO B 9 -5.40 -5.03 1.20
C PRO B 9 -6.12 -5.27 2.50
N SER B 10 -7.36 -5.77 2.51
CA SER B 10 -7.93 -6.15 3.80
C SER B 10 -7.36 -7.46 4.31
N SER B 11 -6.92 -8.36 3.42
CA SER B 11 -6.17 -9.54 3.83
C SER B 11 -5.07 -9.82 2.82
N LEU B 12 -3.98 -10.42 3.30
CA LEU B 12 -2.77 -10.60 2.54
C LEU B 12 -2.11 -11.92 2.91
N SER B 13 -1.83 -12.75 1.92
CA SER B 13 -1.19 -14.05 2.10
C SER B 13 0.28 -13.96 1.72
N ALA B 14 1.14 -14.38 2.62
CA ALA B 14 2.56 -14.33 2.38
C ALA B 14 3.21 -15.54 3.02
N SER B 15 4.50 -15.71 2.74
CA SER B 15 5.31 -16.72 3.41
C SER B 15 6.52 -16.05 4.05
N VAL B 16 7.14 -16.79 4.97
CA VAL B 16 8.34 -16.32 5.64
C VAL B 16 9.36 -15.88 4.61
N GLY B 17 9.99 -14.74 4.88
CA GLY B 17 10.98 -14.19 3.98
C GLY B 17 10.43 -13.21 2.98
N ASP B 18 9.10 -13.04 2.95
CA ASP B 18 8.47 -12.14 1.99
C ASP B 18 8.57 -10.71 2.47
N ARG B 19 8.76 -9.81 1.53
CA ARG B 19 8.57 -8.39 1.77
C ARG B 19 7.09 -8.06 1.66
N VAL B 20 6.56 -7.45 2.71
CA VAL B 20 5.13 -7.16 2.82
C VAL B 20 4.96 -5.66 2.92
N THR B 21 4.03 -5.10 2.15
CA THR B 21 3.67 -3.69 2.26
C THR B 21 2.17 -3.61 2.44
N ILE B 22 1.76 -3.06 3.57
CA ILE B 22 0.38 -2.75 3.88
C ILE B 22 0.24 -1.24 3.76
N THR B 23 -0.84 -0.78 3.12
CA THR B 23 -1.11 0.65 3.03
C THR B 23 -2.37 1.06 3.78
N CYS B 24 -2.44 2.36 4.07
CA CYS B 24 -3.57 2.99 4.71
C CYS B 24 -3.66 4.43 4.21
N ARG B 25 -4.87 4.87 3.90
CA ARG B 25 -5.10 6.16 3.26
C ARG B 25 -6.05 7.01 4.09
N ALA B 26 -5.56 8.12 4.63
CA ALA B 26 -6.43 9.03 5.37
C ALA B 26 -7.32 9.80 4.40
N SER B 27 -8.55 10.09 4.81
CA SER B 27 -9.47 10.78 3.92
C SER B 27 -9.18 12.28 3.81
N GLN B 28 -8.36 12.82 4.71
CA GLN B 28 -7.88 14.19 4.66
C GLN B 28 -6.44 14.19 5.14
N SER B 29 -5.78 15.33 5.09
CA SER B 29 -4.46 15.41 5.70
C SER B 29 -4.52 15.06 7.18
N VAL B 30 -3.63 14.15 7.60
CA VAL B 30 -3.40 13.89 9.02
C VAL B 30 -1.95 14.16 9.38
N SER B 31 -1.26 14.96 8.56
CA SER B 31 0.15 15.30 8.79
C SER B 31 0.90 13.98 9.02
N SER B 32 1.64 13.83 10.13
CA SER B 32 2.37 12.59 10.43
C SER B 32 1.89 11.90 11.70
N ALA B 33 0.65 12.13 12.14
CA ALA B 33 0.23 11.57 13.43
C ALA B 33 -0.48 10.22 13.23
N VAL B 34 0.30 9.27 12.74
CA VAL B 34 -0.21 7.97 12.36
C VAL B 34 0.56 6.87 13.09
N ALA B 35 -0.17 5.97 13.72
CA ALA B 35 0.44 4.85 14.39
C ALA B 35 0.01 3.53 13.75
N TRP B 36 0.91 2.56 13.73
CA TRP B 36 0.62 1.21 13.29
C TRP B 36 0.70 0.23 14.48
N TYR B 37 -0.24 -0.72 14.50
CA TYR B 37 -0.37 -1.67 15.60
C TYR B 37 -0.47 -3.08 15.04
N GLN B 38 0.09 -4.03 15.77
CA GLN B 38 -0.04 -5.44 15.46
C GLN B 38 -0.92 -6.09 16.51
N GLN B 39 -1.86 -6.93 16.11
CA GLN B 39 -2.69 -7.61 17.09
C GLN B 39 -2.78 -9.10 16.79
N LYS B 40 -2.51 -9.90 17.78
CA LYS B 40 -2.65 -11.32 17.52
C LYS B 40 -3.94 -11.82 18.14
N PRO B 41 -4.51 -12.88 17.60
CA PRO B 41 -5.83 -13.30 18.06
C PRO B 41 -5.82 -13.52 19.56
N GLY B 42 -6.83 -12.97 20.23
CA GLY B 42 -6.99 -13.09 21.66
C GLY B 42 -6.04 -12.24 22.49
N LYS B 43 -5.24 -11.38 21.89
CA LYS B 43 -4.31 -10.56 22.64
C LYS B 43 -4.51 -9.10 22.30
N ALA B 44 -4.07 -8.25 23.18
CA ALA B 44 -4.27 -6.83 22.98
C ALA B 44 -3.25 -6.30 21.99
N PRO B 45 -3.58 -5.22 21.28
CA PRO B 45 -2.66 -4.68 20.27
C PRO B 45 -1.33 -4.23 20.85
N LYS B 46 -0.33 -4.18 19.98
CA LYS B 46 0.99 -3.73 20.34
C LYS B 46 1.45 -2.69 19.33
N LEU B 47 2.06 -1.62 19.83
CA LEU B 47 2.48 -0.51 18.99
C LEU B 47 3.74 -0.87 18.23
N LEU B 48 3.75 -0.56 16.95
CA LEU B 48 4.89 -0.79 16.07
C LEU B 48 5.57 0.50 15.64
N ILE B 49 4.78 1.43 15.11
CA ILE B 49 5.26 2.64 14.46
C ILE B 49 4.50 3.82 15.05
N TYR B 50 5.21 4.87 15.43
CA TYR B 50 4.53 6.11 15.79
C TYR B 50 5.04 7.22 14.89
N SER B 51 4.30 8.33 14.89
CA SER B 51 4.59 9.46 14.04
C SER B 51 4.89 9.02 12.61
N ALA B 52 4.19 7.96 12.19
CA ALA B 52 4.09 7.42 10.85
C ALA B 52 5.34 6.72 10.35
N SER B 53 6.49 7.00 10.92
CA SER B 53 7.70 6.40 10.36
C SER B 53 8.75 6.11 11.41
N SER B 54 8.47 6.33 12.69
CA SER B 54 9.42 6.07 13.76
C SER B 54 9.15 4.67 14.32
N LEU B 55 10.19 3.85 14.33
CA LEU B 55 10.12 2.52 14.89
C LEU B 55 9.93 2.61 16.41
N TYR B 56 8.84 2.06 16.91
CA TYR B 56 8.61 2.08 18.35
C TYR B 56 9.69 1.29 19.06
N SER B 57 10.04 1.74 20.25
CA SER B 57 11.14 1.15 21.00
C SER B 57 10.93 -0.35 21.20
N GLY B 58 11.98 -1.12 20.95
CA GLY B 58 11.93 -2.56 21.13
C GLY B 58 11.32 -3.33 19.98
N VAL B 59 10.83 -2.65 18.95
CA VAL B 59 10.15 -3.32 17.84
C VAL B 59 11.23 -3.72 16.85
N PRO B 60 11.18 -4.95 16.30
CA PRO B 60 12.25 -5.40 15.40
C PRO B 60 12.39 -4.50 14.16
N SER B 61 13.64 -4.35 13.72
CA SER B 61 14.00 -3.38 12.69
C SER B 61 13.40 -3.68 11.33
N ARG B 62 12.92 -4.90 11.08
CA ARG B 62 12.28 -5.25 9.82
C ARG B 62 10.97 -4.52 9.60
N PHE B 63 10.37 -3.98 10.64
CA PHE B 63 9.19 -3.15 10.46
C PHE B 63 9.62 -1.72 10.19
N SER B 64 8.93 -1.06 9.27
CA SER B 64 9.17 0.35 9.02
C SER B 64 7.91 1.04 8.53
N GLY B 65 7.84 2.34 8.75
CA GLY B 65 6.70 3.10 8.32
C GLY B 65 7.15 4.15 7.33
N SER B 66 6.22 4.66 6.52
CA SER B 66 6.58 5.51 5.40
C SER B 66 5.36 6.35 5.05
N ARG B 67 5.60 7.60 4.63
CA ARG B 67 4.50 8.53 4.36
C ARG B 67 4.68 9.34 3.09
N SER B 68 3.61 9.47 2.30
CA SER B 68 3.54 10.49 1.24
C SER B 68 2.13 11.10 1.27
N GLY B 69 2.02 12.31 1.77
CA GLY B 69 0.70 12.91 1.94
C GLY B 69 -0.18 12.11 2.91
N THR B 70 -1.35 11.73 2.39
CA THR B 70 -2.37 10.91 3.04
C THR B 70 -2.17 9.40 2.82
N ASP B 71 -1.12 9.02 2.09
CA ASP B 71 -0.75 7.63 1.86
C ASP B 71 0.24 7.15 2.91
N PHE B 72 -0.13 6.13 3.67
CA PHE B 72 0.74 5.56 4.70
C PHE B 72 0.99 4.09 4.42
N THR B 73 2.24 3.66 4.45
CA THR B 73 2.56 2.25 4.20
C THR B 73 3.40 1.70 5.34
N LEU B 74 2.92 0.60 5.92
CA LEU B 74 3.74 -0.23 6.80
C LEU B 74 4.37 -1.35 5.98
N THR B 75 5.68 -1.50 6.05
CA THR B 75 6.28 -2.63 5.35
C THR B 75 7.05 -3.48 6.33
N ILE B 76 7.07 -4.77 6.06
CA ILE B 76 7.92 -5.71 6.76
C ILE B 76 8.95 -6.19 5.75
N SER B 77 10.21 -5.92 6.05
CA SER B 77 11.24 -6.22 5.06
C SER B 77 11.36 -7.71 4.81
N SER B 78 11.22 -8.52 5.85
CA SER B 78 11.35 -9.97 5.70
C SER B 78 10.52 -10.64 6.78
N LEU B 79 9.37 -11.15 6.38
CA LEU B 79 8.38 -11.67 7.31
C LEU B 79 8.96 -12.83 8.10
N GLN B 80 8.78 -12.79 9.41
CA GLN B 80 9.14 -13.89 10.28
C GLN B 80 7.86 -14.57 10.74
N PRO B 81 7.93 -15.82 11.20
CA PRO B 81 6.69 -16.55 11.56
C PRO B 81 5.87 -15.88 12.65
N GLU B 82 6.46 -15.04 13.50
CA GLU B 82 5.62 -14.32 14.45
C GLU B 82 4.94 -13.10 13.85
N ASP B 83 5.12 -12.83 12.56
CA ASP B 83 4.50 -11.65 11.97
C ASP B 83 3.13 -11.91 11.39
N PHE B 84 2.65 -13.14 11.41
CA PHE B 84 1.30 -13.39 10.94
C PHE B 84 0.34 -12.89 12.02
N ALA B 85 -0.48 -11.91 11.64
CA ALA B 85 -1.27 -11.16 12.60
C ALA B 85 -2.18 -10.20 11.86
N THR B 86 -3.00 -9.47 12.59
CA THR B 86 -3.74 -8.35 12.02
C THR B 86 -3.05 -7.04 12.40
N TYR B 87 -2.89 -6.14 11.44
CA TYR B 87 -2.25 -4.84 11.63
C TYR B 87 -3.26 -3.72 11.42
N TYR B 88 -3.09 -2.66 12.20
CA TYR B 88 -3.96 -1.50 12.18
C TYR B 88 -3.13 -0.21 12.08
N CYS B 89 -3.54 0.71 11.19
CA CYS B 89 -3.11 2.10 11.19
C CYS B 89 -4.08 2.89 12.07
N GLN B 90 -3.58 3.99 12.67
CA GLN B 90 -4.43 4.89 13.43
C GLN B 90 -4.01 6.33 13.18
N GLN B 91 -5.00 7.20 12.98
CA GLN B 91 -4.72 8.63 12.91
C GLN B 91 -5.04 9.23 14.28
N SER B 92 -4.09 9.99 14.80
CA SER B 92 -4.28 10.75 16.03
C SER B 92 -4.02 12.22 15.75
N TYR B 93 -4.25 12.62 14.52
CA TYR B 93 -4.11 14.01 14.15
C TYR B 93 -5.19 14.85 14.79
N SER B 94 -6.42 14.34 14.86
CA SER B 94 -7.47 15.13 15.44
C SER B 94 -8.49 14.21 16.09
N PHE B 95 -9.17 14.74 17.06
CA PHE B 95 -10.27 14.06 17.73
C PHE B 95 -11.52 14.15 16.88
N PRO B 96 -12.32 13.07 16.83
CA PRO B 96 -12.15 11.75 17.46
C PRO B 96 -11.11 10.94 16.73
N SER B 97 -10.43 9.99 17.36
CA SER B 97 -9.40 9.23 16.67
C SER B 97 -10.01 8.18 15.75
N THR B 98 -9.22 7.65 14.84
CA THR B 98 -9.76 6.70 13.89
C THR B 98 -8.77 5.57 13.70
N PHE B 99 -9.26 4.34 13.68
CA PHE B 99 -8.47 3.20 13.22
C PHE B 99 -8.93 2.81 11.82
N GLY B 100 -7.99 2.32 11.01
CA GLY B 100 -8.38 1.61 9.80
C GLY B 100 -9.03 0.28 10.14
N GLN B 101 -9.60 -0.37 9.12
CA GLN B 101 -10.30 -1.62 9.34
C GLN B 101 -9.37 -2.80 9.57
N GLY B 102 -8.08 -2.69 9.26
CA GLY B 102 -7.18 -3.78 9.63
C GLY B 102 -6.85 -4.75 8.52
N THR B 103 -5.59 -5.14 8.42
CA THR B 103 -5.14 -6.02 7.35
C THR B 103 -4.59 -7.29 7.96
N LYS B 104 -5.19 -8.42 7.59
CA LYS B 104 -4.80 -9.70 8.14
C LYS B 104 -3.69 -10.28 7.29
N VAL B 105 -2.62 -10.72 7.91
CA VAL B 105 -1.56 -11.39 7.17
C VAL B 105 -1.62 -12.88 7.52
N GLU B 106 -1.92 -13.71 6.51
CA GLU B 106 -2.11 -15.14 6.66
C GLU B 106 -1.01 -15.87 5.92
N ILE B 107 -0.86 -17.14 6.26
CA ILE B 107 0.21 -17.99 5.74
C ILE B 107 -0.17 -18.55 4.38
N LYS B 108 0.68 -18.34 3.39
CA LYS B 108 0.41 -18.83 2.06
C LYS B 108 0.84 -20.28 1.96
N ARG B 109 0.01 -21.10 1.33
CA ARG B 109 0.35 -22.48 1.02
C ARG B 109 -0.23 -22.82 -0.35
N THR B 110 -0.01 -24.07 -0.76
CA THR B 110 -0.54 -24.51 -2.04
C THR B 110 -2.04 -24.61 -1.95
N VAL B 111 -2.69 -24.55 -3.10
CA VAL B 111 -4.15 -24.56 -3.14
C VAL B 111 -4.67 -25.93 -2.73
N ALA B 112 -5.69 -25.93 -1.88
CA ALA B 112 -6.33 -27.15 -1.39
C ALA B 112 -7.83 -27.03 -1.54
N ALA B 113 -8.43 -28.02 -2.18
CA ALA B 113 -9.87 -27.94 -2.34
C ALA B 113 -10.58 -28.45 -1.08
N PRO B 114 -11.73 -27.88 -0.74
CA PRO B 114 -12.47 -28.38 0.42
C PRO B 114 -12.96 -29.76 0.10
N SER B 115 -12.92 -30.65 1.07
CA SER B 115 -13.81 -31.80 0.96
C SER B 115 -15.10 -31.30 1.57
N VAL B 116 -16.22 -31.62 0.94
CA VAL B 116 -17.49 -31.01 1.27
C VAL B 116 -18.40 -32.12 1.79
N PHE B 117 -19.05 -31.85 2.90
CA PHE B 117 -19.89 -32.79 3.59
C PHE B 117 -21.20 -32.09 3.88
N ILE B 118 -22.29 -32.86 3.86
CA ILE B 118 -23.60 -32.33 4.25
C ILE B 118 -24.25 -33.22 5.30
N PHE B 119 -25.03 -32.59 6.18
CA PHE B 119 -25.69 -33.28 7.29
C PHE B 119 -27.15 -32.91 7.36
N PRO B 120 -28.08 -33.82 7.11
CA PRO B 120 -29.51 -33.50 7.27
C PRO B 120 -29.85 -33.26 8.73
N PRO B 121 -31.01 -32.65 9.00
CA PRO B 121 -31.38 -32.38 10.40
C PRO B 121 -31.61 -33.66 11.19
N SER B 122 -31.28 -33.58 12.47
CA SER B 122 -31.47 -34.72 13.36
C SER B 122 -32.96 -35.00 13.50
N ASP B 123 -33.27 -36.23 13.87
CA ASP B 123 -34.65 -36.49 14.21
C ASP B 123 -35.01 -35.78 15.48
N GLU B 124 -34.09 -35.79 16.44
CA GLU B 124 -34.30 -35.05 17.67
C GLU B 124 -34.64 -33.59 17.36
N GLN B 125 -33.92 -32.99 16.40
CA GLN B 125 -34.21 -31.59 16.08
C GLN B 125 -35.59 -31.43 15.46
N LEU B 126 -35.94 -32.27 14.46
CA LEU B 126 -37.22 -32.10 13.79
C LEU B 126 -38.38 -32.22 14.76
N LYS B 127 -38.21 -33.00 15.82
CA LYS B 127 -39.25 -33.14 16.83
C LYS B 127 -39.53 -31.79 17.49
N SER B 128 -38.52 -30.93 17.55
CA SER B 128 -38.58 -29.65 18.24
C SER B 128 -39.14 -28.49 17.42
N GLY B 129 -39.43 -28.68 16.13
CA GLY B 129 -40.00 -27.62 15.33
C GLY B 129 -39.01 -26.88 14.46
N THR B 130 -37.74 -27.21 14.54
CA THR B 130 -36.71 -26.56 13.78
C THR B 130 -35.98 -27.59 12.92
N ALA B 131 -35.48 -27.13 11.78
CA ALA B 131 -34.68 -27.96 10.90
C ALA B 131 -33.37 -27.23 10.63
N SER B 132 -32.25 -27.84 10.97
CA SER B 132 -30.98 -27.23 10.65
C SER B 132 -30.25 -28.17 9.73
N VAL B 133 -29.78 -27.63 8.62
CA VAL B 133 -29.00 -28.36 7.66
C VAL B 133 -27.61 -27.74 7.67
N VAL B 134 -26.59 -28.57 7.81
CA VAL B 134 -25.24 -28.07 8.00
C VAL B 134 -24.35 -28.57 6.87
N CYS B 135 -23.56 -27.66 6.32
CA CYS B 135 -22.61 -27.96 5.27
C CYS B 135 -21.23 -27.67 5.81
N LEU B 136 -20.35 -28.66 5.75
CA LEU B 136 -18.98 -28.52 6.20
C LEU B 136 -18.05 -28.50 4.99
N LEU B 137 -17.15 -27.52 4.95
CA LEU B 137 -16.07 -27.51 3.97
C LEU B 137 -14.78 -27.66 4.77
N ASN B 138 -14.02 -28.71 4.51
CA ASN B 138 -13.01 -29.11 5.48
C ASN B 138 -11.62 -28.96 4.91
N ASN B 139 -10.75 -28.25 5.63
CA ASN B 139 -9.31 -28.22 5.36
C ASN B 139 -9.00 -27.73 3.94
N PHE B 140 -9.41 -26.49 3.64
CA PHE B 140 -9.15 -25.96 2.31
C PHE B 140 -8.26 -24.71 2.35
N TYR B 141 -7.74 -24.36 1.19
CA TYR B 141 -6.97 -23.14 1.05
C TYR B 141 -7.03 -22.71 -0.41
N PRO B 142 -7.23 -21.43 -0.69
CA PRO B 142 -7.42 -20.27 0.23
C PRO B 142 -8.83 -20.15 0.88
N ARG B 143 -9.00 -19.12 1.73
CA ARG B 143 -10.20 -19.01 2.58
C ARG B 143 -11.43 -18.60 1.78
N GLU B 144 -11.25 -17.89 0.67
CA GLU B 144 -12.37 -17.42 -0.13
C GLU B 144 -13.15 -18.60 -0.69
N ALA B 145 -14.44 -18.67 -0.37
CA ALA B 145 -15.21 -19.89 -0.63
C ALA B 145 -16.70 -19.54 -0.60
N LYS B 146 -17.35 -19.65 -1.74
CA LYS B 146 -18.77 -19.33 -1.83
C LYS B 146 -19.56 -20.57 -1.47
N VAL B 147 -20.45 -20.42 -0.51
CA VAL B 147 -21.32 -21.51 -0.09
C VAL B 147 -22.73 -21.09 -0.46
N GLN B 148 -23.37 -21.91 -1.29
CA GLN B 148 -24.66 -21.58 -1.87
C GLN B 148 -25.63 -22.73 -1.62
N TRP B 149 -26.73 -22.43 -0.93
CA TRP B 149 -27.76 -23.43 -0.66
C TRP B 149 -28.86 -23.39 -1.73
N LYS B 150 -29.35 -24.57 -2.11
CA LYS B 150 -30.50 -24.70 -3.00
C LYS B 150 -31.53 -25.62 -2.37
N VAL B 151 -32.80 -25.25 -2.46
CA VAL B 151 -33.86 -26.09 -1.93
C VAL B 151 -34.84 -26.32 -3.08
N ASP B 152 -34.85 -27.54 -3.61
CA ASP B 152 -35.57 -27.83 -4.85
C ASP B 152 -35.11 -26.89 -5.96
N ASN B 153 -33.79 -26.72 -6.06
CA ASN B 153 -33.07 -25.92 -7.05
C ASN B 153 -33.26 -24.43 -6.86
N ALA B 154 -34.07 -23.98 -5.89
CA ALA B 154 -34.20 -22.56 -5.63
C ALA B 154 -32.99 -22.06 -4.84
N LEU B 155 -32.38 -20.97 -5.30
CA LEU B 155 -31.28 -20.39 -4.55
C LEU B 155 -31.77 -19.82 -3.23
N GLN B 156 -30.98 -20.02 -2.19
CA GLN B 156 -31.40 -19.58 -0.86
C GLN B 156 -30.65 -18.31 -0.49
N SER B 157 -31.37 -17.38 0.12
CA SER B 157 -30.83 -16.15 0.64
C SER B 157 -31.43 -15.90 2.01
N GLY B 158 -30.64 -15.29 2.90
CA GLY B 158 -31.19 -14.79 4.15
C GLY B 158 -31.56 -15.82 5.20
N ASN B 159 -31.27 -17.10 4.99
CA ASN B 159 -31.58 -18.06 6.04
C ASN B 159 -30.40 -18.98 6.32
N SER B 160 -29.19 -18.60 5.93
CA SER B 160 -28.02 -19.39 6.24
C SER B 160 -27.02 -18.53 6.99
N GLN B 161 -26.17 -19.17 7.81
CA GLN B 161 -25.08 -18.48 8.51
C GLN B 161 -23.80 -19.30 8.45
N GLU B 162 -22.67 -18.60 8.32
CA GLU B 162 -21.37 -19.23 8.16
C GLU B 162 -20.43 -18.86 9.31
N SER B 163 -19.51 -19.76 9.59
CA SER B 163 -18.42 -19.55 10.53
C SER B 163 -17.19 -20.22 9.95
N VAL B 164 -16.01 -19.64 10.15
CA VAL B 164 -14.79 -20.17 9.58
C VAL B 164 -13.78 -20.38 10.70
N THR B 165 -13.02 -21.46 10.62
CA THR B 165 -12.00 -21.57 11.64
C THR B 165 -10.85 -20.63 11.30
N GLU B 166 -9.97 -20.43 12.29
CA GLU B 166 -8.72 -19.74 12.03
C GLU B 166 -7.81 -20.65 11.26
N GLN B 167 -6.80 -20.06 10.62
CA GLN B 167 -5.89 -20.87 9.83
C GLN B 167 -5.23 -21.92 10.71
N ASP B 168 -5.19 -23.15 10.23
CA ASP B 168 -4.73 -24.26 11.07
C ASP B 168 -3.24 -24.10 11.35
N SER B 169 -2.85 -24.39 12.58
CA SER B 169 -1.47 -24.14 12.95
C SER B 169 -0.49 -25.10 12.30
N LYS B 170 -0.97 -26.22 11.75
CA LYS B 170 -0.10 -27.28 11.24
C LYS B 170 -0.11 -27.42 9.72
N ASP B 171 -1.28 -27.43 9.08
CA ASP B 171 -1.36 -27.44 7.63
C ASP B 171 -1.86 -26.11 7.07
N SER B 172 -2.10 -25.14 7.94
CA SER B 172 -2.55 -23.79 7.61
C SER B 172 -3.60 -23.76 6.50
N THR B 173 -4.59 -24.64 6.64
CA THR B 173 -5.82 -24.61 5.87
C THR B 173 -6.94 -24.03 6.72
N TYR B 174 -8.12 -23.89 6.10
CA TYR B 174 -9.31 -23.40 6.76
C TYR B 174 -10.41 -24.45 6.74
N SER B 175 -11.41 -24.24 7.55
CA SER B 175 -12.61 -25.06 7.55
C SER B 175 -13.79 -24.15 7.82
N LEU B 176 -14.89 -24.38 7.13
CA LEU B 176 -16.05 -23.50 7.21
C LEU B 176 -17.32 -24.31 7.49
N SER B 177 -18.28 -23.64 8.09
CA SER B 177 -19.51 -24.30 8.49
C SER B 177 -20.68 -23.39 8.18
N SER B 178 -21.50 -23.80 7.22
CA SER B 178 -22.73 -23.12 6.82
C SER B 178 -23.92 -23.91 7.34
N THR B 179 -24.88 -23.22 7.95
CA THR B 179 -26.07 -23.83 8.49
C THR B 179 -27.30 -23.20 7.88
N LEU B 180 -28.16 -24.04 7.26
CA LEU B 180 -29.46 -23.59 6.80
C LEU B 180 -30.52 -23.84 7.87
N THR B 181 -31.16 -22.78 8.33
CA THR B 181 -32.16 -22.90 9.37
C THR B 181 -33.53 -22.68 8.76
N LEU B 182 -34.42 -23.63 8.98
CA LEU B 182 -35.79 -23.60 8.48
C LEU B 182 -36.74 -23.99 9.60
N SER B 183 -37.97 -23.51 9.50
CA SER B 183 -39.02 -24.09 10.32
C SER B 183 -39.28 -25.52 9.84
N LYS B 184 -39.71 -26.39 10.76
CA LYS B 184 -40.07 -27.75 10.36
C LYS B 184 -41.14 -27.75 9.25
N ALA B 185 -42.13 -26.88 9.34
CA ALA B 185 -43.12 -26.79 8.28
C ALA B 185 -42.49 -26.49 6.93
N ASP B 186 -41.55 -25.56 6.89
CA ASP B 186 -40.85 -25.22 5.65
C ASP B 186 -40.05 -26.41 5.15
N TYR B 187 -39.40 -27.14 6.06
CA TYR B 187 -38.53 -28.24 5.67
C TYR B 187 -39.33 -29.35 4.99
N GLU B 188 -40.56 -29.58 5.43
CA GLU B 188 -41.38 -30.65 4.89
C GLU B 188 -42.09 -30.27 3.59
N LYS B 189 -42.01 -29.00 3.18
CA LYS B 189 -42.57 -28.53 1.92
C LYS B 189 -41.63 -28.75 0.74
N HIS B 190 -40.46 -29.33 0.96
CA HIS B 190 -39.50 -29.52 -0.11
C HIS B 190 -38.79 -30.87 0.01
N LYS B 191 -38.04 -31.18 -1.03
CA LYS B 191 -37.45 -32.49 -1.17
C LYS B 191 -35.93 -32.44 -1.16
N VAL B 192 -35.33 -31.64 -2.03
CA VAL B 192 -33.92 -31.78 -2.36
C VAL B 192 -33.18 -30.60 -1.75
N TYR B 193 -32.36 -30.90 -0.77
CA TYR B 193 -31.54 -29.94 -0.07
C TYR B 193 -30.10 -30.10 -0.55
N ALA B 194 -29.51 -29.01 -1.02
CA ALA B 194 -28.24 -29.07 -1.71
C ALA B 194 -27.30 -27.97 -1.23
N CYS B 195 -26.02 -28.31 -1.10
CA CYS B 195 -24.93 -27.41 -0.73
C CYS B 195 -24.00 -27.25 -1.92
N GLU B 196 -23.93 -26.07 -2.51
CA GLU B 196 -23.07 -25.85 -3.67
C GLU B 196 -21.85 -25.06 -3.25
N VAL B 197 -20.66 -25.62 -3.47
CA VAL B 197 -19.42 -25.03 -2.99
C VAL B 197 -18.58 -24.60 -4.19
N THR B 198 -18.12 -23.36 -4.16
CA THR B 198 -17.39 -22.76 -5.27
C THR B 198 -16.02 -22.34 -4.74
N HIS B 199 -14.95 -22.92 -5.28
CA HIS B 199 -13.63 -22.71 -4.70
C HIS B 199 -12.55 -22.89 -5.74
N GLN B 200 -11.42 -22.23 -5.49
CA GLN B 200 -10.32 -22.19 -6.44
C GLN B 200 -9.73 -23.58 -6.69
N GLY B 201 -9.73 -24.44 -5.68
CA GLY B 201 -9.16 -25.76 -5.90
C GLY B 201 -10.03 -26.75 -6.66
N LEU B 202 -11.28 -26.39 -6.96
CA LEU B 202 -12.20 -27.25 -7.70
C LEU B 202 -12.31 -26.83 -9.15
N SER B 203 -12.26 -27.82 -10.06
CA SER B 203 -12.43 -27.53 -11.48
C SER B 203 -13.78 -26.88 -11.76
N SER B 204 -14.85 -27.38 -11.16
CA SER B 204 -16.17 -26.75 -11.26
C SER B 204 -16.85 -26.92 -9.93
N PRO B 205 -17.81 -26.05 -9.59
CA PRO B 205 -18.47 -26.09 -8.28
C PRO B 205 -19.01 -27.47 -7.91
N VAL B 206 -18.68 -27.91 -6.71
CA VAL B 206 -19.11 -29.19 -6.15
C VAL B 206 -20.42 -28.99 -5.39
N THR B 207 -21.30 -29.98 -5.48
CA THR B 207 -22.53 -29.94 -4.72
C THR B 207 -22.73 -31.24 -3.94
N LYS B 208 -23.19 -31.09 -2.70
CA LYS B 208 -23.67 -32.21 -1.89
C LYS B 208 -25.14 -32.02 -1.55
N SER B 209 -25.93 -33.07 -1.75
CA SER B 209 -27.37 -32.98 -1.60
C SER B 209 -27.91 -34.25 -0.97
N PHE B 210 -29.13 -34.13 -0.47
CA PHE B 210 -29.91 -35.27 0.00
C PHE B 210 -31.39 -34.99 -0.25
N ASN B 211 -32.17 -36.05 -0.29
CA ASN B 211 -33.62 -35.94 -0.35
C ASN B 211 -34.15 -36.21 1.04
N ARG B 212 -34.90 -35.27 1.58
CA ARG B 212 -35.58 -35.50 2.85
C ARG B 212 -36.34 -36.82 2.79
N GLY B 213 -35.95 -37.75 3.66
CA GLY B 213 -36.55 -39.06 3.67
C GLY B 213 -35.78 -40.04 2.81
N GLU B 214 -34.47 -40.07 2.98
CA GLU B 214 -33.60 -41.01 2.29
C GLU B 214 -32.84 -41.81 3.32
N CYS B 215 -32.69 -43.10 3.06
CA CYS B 215 -32.07 -44.02 4.01
C CYS B 215 -30.58 -44.22 3.64
N SER C 3 0.86 4.80 -43.91
CA SER C 3 0.48 4.65 -42.51
C SER C 3 0.98 3.33 -41.94
N GLU C 4 2.25 3.31 -41.57
CA GLU C 4 2.91 2.08 -41.16
C GLU C 4 2.63 1.78 -39.70
N VAL C 5 3.49 0.96 -39.09
CA VAL C 5 3.27 0.47 -37.73
C VAL C 5 3.28 1.62 -36.70
N GLN C 6 2.31 1.57 -35.79
CA GLN C 6 2.17 2.57 -34.75
C GLN C 6 1.55 1.89 -33.53
N LEU C 7 1.86 2.38 -32.33
CA LEU C 7 1.29 1.82 -31.12
C LEU C 7 0.74 2.94 -30.29
N VAL C 8 -0.50 2.81 -29.83
CA VAL C 8 -1.07 3.90 -29.04
C VAL C 8 -1.53 3.32 -27.72
N GLU C 9 -0.78 3.61 -26.66
CA GLU C 9 -1.18 3.28 -25.31
C GLU C 9 -2.31 4.21 -24.85
N SER C 10 -3.15 3.69 -23.96
CA SER C 10 -4.16 4.51 -23.30
C SER C 10 -4.61 3.81 -22.01
N GLY C 11 -5.37 4.56 -21.21
CA GLY C 11 -5.88 4.03 -19.97
C GLY C 11 -5.14 4.48 -18.73
N GLY C 12 -4.07 5.25 -18.87
CA GLY C 12 -3.36 5.77 -17.72
C GLY C 12 -4.18 6.80 -16.97
N GLY C 13 -3.69 7.13 -15.78
CA GLY C 13 -4.36 8.12 -14.96
C GLY C 13 -3.89 8.06 -13.52
N LEU C 14 -4.54 8.88 -12.71
CA LEU C 14 -4.39 8.84 -11.28
C LEU C 14 -5.07 7.60 -10.73
N VAL C 15 -4.50 7.01 -9.69
CA VAL C 15 -5.17 5.91 -9.02
C VAL C 15 -4.54 5.74 -7.64
N GLN C 16 -5.38 5.44 -6.64
CA GLN C 16 -4.92 5.37 -5.25
C GLN C 16 -4.14 4.11 -5.01
N PRO C 17 -3.20 4.12 -4.07
CA PRO C 17 -2.49 2.89 -3.75
C PRO C 17 -3.50 1.83 -3.30
N GLY C 18 -3.30 0.58 -3.74
CA GLY C 18 -4.27 -0.48 -3.55
C GLY C 18 -5.34 -0.59 -4.63
N GLY C 19 -5.39 0.35 -5.58
CA GLY C 19 -6.35 0.31 -6.65
C GLY C 19 -5.82 -0.42 -7.87
N SER C 20 -6.63 -0.40 -8.92
CA SER C 20 -6.32 -1.10 -10.15
C SER C 20 -6.65 -0.24 -11.36
N LEU C 21 -6.03 -0.58 -12.50
CA LEU C 21 -6.18 0.14 -13.76
C LEU C 21 -5.95 -0.81 -14.91
N ARG C 22 -6.61 -0.57 -16.04
CA ARG C 22 -6.38 -1.38 -17.25
C ARG C 22 -5.82 -0.50 -18.35
N LEU C 23 -4.58 -0.74 -18.74
CA LEU C 23 -4.01 -0.06 -19.90
C LEU C 23 -4.26 -0.83 -21.20
N SER C 24 -4.35 -0.08 -22.28
CA SER C 24 -4.51 -0.67 -23.60
C SER C 24 -3.36 -0.28 -24.51
N CYS C 25 -3.26 -0.99 -25.62
CA CYS C 25 -2.22 -0.76 -26.64
C CYS C 25 -2.84 -1.16 -27.98
N ALA C 26 -3.34 -0.17 -28.71
CA ALA C 26 -4.00 -0.42 -29.98
C ALA C 26 -2.96 -0.39 -31.10
N ALA C 27 -2.77 -1.50 -31.77
CA ALA C 27 -1.84 -1.54 -32.87
C ALA C 27 -2.51 -1.15 -34.17
N SER C 28 -1.70 -0.69 -35.09
CA SER C 28 -2.17 -0.47 -36.45
C SER C 28 -0.95 -0.59 -37.32
N GLY C 29 -1.19 -0.94 -38.59
CA GLY C 29 -0.14 -1.30 -39.50
C GLY C 29 0.27 -2.76 -39.49
N PHE C 30 -0.30 -3.58 -38.61
CA PHE C 30 0.07 -4.98 -38.61
C PHE C 30 -0.93 -5.73 -37.76
N TYR C 31 -1.05 -7.02 -38.03
CA TYR C 31 -1.91 -7.87 -37.23
C TYR C 31 -1.16 -8.25 -35.96
N ILE C 32 -1.80 -8.00 -34.82
CA ILE C 32 -1.12 -8.14 -33.55
C ILE C 32 -0.89 -9.58 -33.15
N SER C 33 -1.51 -10.53 -33.85
CA SER C 33 -1.43 -11.92 -33.42
C SER C 33 -0.14 -12.60 -33.83
N TYR C 34 0.64 -12.05 -34.75
CA TYR C 34 1.88 -12.72 -35.15
C TYR C 34 3.12 -12.14 -34.47
N SER C 35 2.94 -11.38 -33.40
CA SER C 35 4.06 -10.72 -32.76
C SER C 35 4.04 -11.01 -31.26
N SER C 36 5.23 -10.87 -30.64
CA SER C 36 5.31 -10.69 -29.20
C SER C 36 5.10 -9.22 -28.83
N ILE C 37 4.24 -8.98 -27.86
CA ILE C 37 3.95 -7.65 -27.36
C ILE C 37 4.47 -7.52 -25.94
N HIS C 38 5.19 -6.44 -25.68
CA HIS C 38 5.74 -6.21 -24.36
C HIS C 38 5.16 -4.93 -23.78
N TRP C 39 5.24 -4.84 -22.46
CA TRP C 39 5.07 -3.60 -21.72
C TRP C 39 6.38 -3.27 -21.04
N VAL C 40 6.74 -2.00 -21.13
CA VAL C 40 7.97 -1.47 -20.55
C VAL C 40 7.64 -0.17 -19.84
N ARG C 41 8.13 0.00 -18.62
CA ARG C 41 7.80 1.21 -17.87
C ARG C 41 9.06 2.00 -17.51
N GLN C 42 8.82 3.26 -17.19
CA GLN C 42 9.89 4.21 -16.93
C GLN C 42 9.35 5.17 -15.86
N ALA C 43 9.78 4.99 -14.61
CA ALA C 43 9.45 5.96 -13.60
C ALA C 43 10.10 7.31 -13.95
N PRO C 44 9.49 8.43 -13.57
CA PRO C 44 10.03 9.74 -13.95
C PRO C 44 11.49 9.88 -13.52
N GLY C 45 12.37 10.10 -14.51
CA GLY C 45 13.78 10.25 -14.25
C GLY C 45 14.59 8.98 -14.09
N LYS C 46 13.96 7.81 -14.14
CA LYS C 46 14.68 6.56 -14.05
C LYS C 46 14.85 5.99 -15.45
N GLY C 47 15.40 4.78 -15.53
CA GLY C 47 15.58 4.09 -16.78
C GLY C 47 14.43 3.15 -17.12
N LEU C 48 14.65 2.34 -18.14
CA LEU C 48 13.62 1.41 -18.61
C LEU C 48 13.55 0.18 -17.70
N GLU C 49 12.33 -0.31 -17.50
CA GLU C 49 12.09 -1.51 -16.69
C GLU C 49 11.04 -2.35 -17.40
N TRP C 50 11.43 -3.55 -17.83
CA TRP C 50 10.50 -4.46 -18.49
C TRP C 50 9.44 -4.95 -17.50
N VAL C 51 8.21 -5.04 -17.98
CA VAL C 51 7.06 -5.38 -17.14
C VAL C 51 6.47 -6.74 -17.49
N ALA C 52 6.15 -6.98 -18.77
CA ALA C 52 5.39 -8.16 -19.15
C ALA C 52 5.43 -8.35 -20.65
N SER C 53 5.10 -9.57 -21.08
CA SER C 53 5.07 -9.88 -22.50
C SER C 53 4.12 -11.03 -22.73
N ILE C 54 3.61 -11.09 -23.94
CA ILE C 54 2.72 -12.16 -24.39
C ILE C 54 3.22 -12.65 -25.74
N SER C 55 3.27 -13.92 -25.89
CA SER C 55 3.84 -14.64 -27.02
C SER C 55 2.81 -14.93 -28.11
N PRO C 56 3.23 -14.92 -29.37
CA PRO C 56 2.31 -15.29 -30.43
C PRO C 56 1.93 -16.76 -30.36
N TYR C 57 0.73 -17.05 -30.87
CA TYR C 57 0.17 -18.37 -31.14
C TYR C 57 -0.13 -19.18 -29.89
N SER C 58 0.54 -18.84 -28.80
CA SER C 58 0.38 -19.53 -27.54
C SER C 58 -0.28 -18.65 -26.51
N GLY C 59 -0.13 -17.33 -26.62
CA GLY C 59 -0.63 -16.48 -25.57
C GLY C 59 0.10 -16.66 -24.26
N SER C 60 1.27 -17.29 -24.28
CA SER C 60 2.04 -17.45 -23.06
C SER C 60 2.47 -16.09 -22.56
N THR C 61 2.42 -15.92 -21.25
CA THR C 61 2.64 -14.65 -20.61
C THR C 61 3.82 -14.74 -19.67
N TYR C 62 4.59 -13.66 -19.62
CA TYR C 62 5.77 -13.53 -18.78
C TYR C 62 5.68 -12.24 -18.00
N TYR C 63 6.23 -12.25 -16.80
CA TYR C 63 6.13 -11.09 -15.93
C TYR C 63 7.47 -10.81 -15.30
N ALA C 64 7.67 -9.55 -14.91
CA ALA C 64 8.81 -9.18 -14.08
C ALA C 64 8.51 -9.54 -12.64
N ASP C 65 9.59 -9.80 -11.88
CA ASP C 65 9.43 -10.12 -10.46
C ASP C 65 8.74 -8.99 -9.73
N SER C 66 9.07 -7.76 -10.06
CA SER C 66 8.46 -6.68 -9.31
C SER C 66 6.97 -6.53 -9.55
N VAL C 67 6.35 -7.29 -10.47
CA VAL C 67 4.92 -7.12 -10.70
C VAL C 67 4.18 -8.45 -10.69
N LYS C 68 4.92 -9.56 -10.67
CA LYS C 68 4.27 -10.87 -10.66
C LYS C 68 3.25 -10.97 -9.55
N GLY C 69 2.06 -11.45 -9.90
CA GLY C 69 0.97 -11.58 -8.96
C GLY C 69 0.10 -10.35 -8.79
N ARG C 70 0.33 -9.30 -9.57
CA ARG C 70 -0.50 -8.11 -9.50
C ARG C 70 -0.96 -7.69 -10.89
N PHE C 71 -0.13 -7.95 -11.88
CA PHE C 71 -0.32 -7.50 -13.24
C PHE C 71 -0.70 -8.67 -14.12
N THR C 72 -1.53 -8.41 -15.10
CA THR C 72 -1.90 -9.42 -16.09
C THR C 72 -1.90 -8.80 -17.47
N ILE C 73 -1.03 -9.25 -18.31
CA ILE C 73 -1.08 -8.87 -19.72
C ILE C 73 -1.98 -9.85 -20.45
N SER C 74 -2.66 -9.37 -21.50
CA SER C 74 -3.43 -10.19 -22.42
C SER C 74 -3.60 -9.41 -23.71
N ALA C 75 -4.10 -10.09 -24.74
CA ALA C 75 -4.39 -9.44 -26.01
C ALA C 75 -5.76 -9.85 -26.50
N ASP C 76 -6.38 -8.98 -27.27
CA ASP C 76 -7.64 -9.30 -27.94
C ASP C 76 -7.41 -9.09 -29.42
N THR C 77 -7.18 -10.18 -30.16
CA THR C 77 -6.74 -10.03 -31.55
C THR C 77 -7.85 -9.56 -32.47
N SER C 78 -9.11 -9.83 -32.14
CA SER C 78 -10.16 -9.27 -33.00
C SER C 78 -10.27 -7.76 -32.82
N LYS C 79 -9.78 -7.24 -31.68
CA LYS C 79 -9.66 -5.79 -31.45
C LYS C 79 -8.28 -5.27 -31.76
N ASN C 80 -7.31 -6.15 -32.04
CA ASN C 80 -5.94 -5.78 -32.41
C ASN C 80 -5.24 -4.98 -31.32
N THR C 81 -5.60 -5.26 -30.07
CA THR C 81 -5.21 -4.50 -28.90
C THR C 81 -4.64 -5.43 -27.85
N ALA C 82 -3.61 -4.98 -27.14
CA ALA C 82 -3.09 -5.70 -25.98
C ALA C 82 -3.43 -4.91 -24.72
N TYR C 83 -3.44 -5.61 -23.60
CA TYR C 83 -3.96 -5.05 -22.37
C TYR C 83 -3.00 -5.33 -21.24
N LEU C 84 -2.93 -4.38 -20.33
CA LEU C 84 -2.22 -4.60 -19.09
C LEU C 84 -3.18 -4.23 -17.97
N GLN C 85 -3.68 -5.26 -17.29
CA GLN C 85 -4.45 -5.10 -16.07
C GLN C 85 -3.47 -5.04 -14.90
N MET C 86 -3.51 -3.95 -14.15
CA MET C 86 -2.64 -3.70 -13.01
C MET C 86 -3.46 -3.67 -11.74
N ASN C 87 -3.07 -4.45 -10.74
CA ASN C 87 -3.84 -4.56 -9.50
C ASN C 87 -2.98 -4.27 -8.28
N SER C 88 -3.65 -3.84 -7.22
CA SER C 88 -3.06 -3.39 -5.95
C SER C 88 -1.83 -2.51 -6.19
N LEU C 89 -2.06 -1.38 -6.83
CA LEU C 89 -0.92 -0.57 -7.22
C LEU C 89 -0.24 0.04 -5.99
N ARG C 90 1.03 0.36 -6.19
CA ARG C 90 1.88 0.99 -5.20
C ARG C 90 2.59 2.18 -5.82
N ALA C 91 3.00 3.11 -4.97
CA ALA C 91 3.65 4.31 -5.48
C ALA C 91 4.77 3.97 -6.47
N GLU C 92 5.51 2.89 -6.21
CA GLU C 92 6.63 2.50 -7.06
C GLU C 92 6.22 2.14 -8.46
N ASP C 93 4.93 1.90 -8.69
CA ASP C 93 4.45 1.63 -10.04
C ASP C 93 4.22 2.90 -10.84
N THR C 94 4.33 4.07 -10.20
CA THR C 94 4.20 5.32 -10.92
C THR C 94 5.21 5.36 -12.04
N ALA C 95 4.73 5.44 -13.27
CA ALA C 95 5.66 5.39 -14.40
C ALA C 95 4.92 5.73 -15.69
N VAL C 96 5.70 6.03 -16.72
CA VAL C 96 5.17 6.02 -18.08
C VAL C 96 5.23 4.60 -18.63
N TYR C 97 4.10 4.06 -19.01
CA TYR C 97 4.04 2.67 -19.49
C TYR C 97 4.00 2.68 -21.03
N TYR C 98 5.02 2.08 -21.64
CA TYR C 98 5.08 1.89 -23.08
C TYR C 98 4.71 0.44 -23.40
N CYS C 99 3.93 0.26 -24.45
CA CYS C 99 3.84 -1.09 -25.01
C CYS C 99 4.75 -1.16 -26.20
N ALA C 100 5.42 -2.29 -26.38
CA ALA C 100 6.34 -2.39 -27.49
C ALA C 100 6.16 -3.69 -28.27
N ARG C 101 6.38 -3.59 -29.58
CA ARG C 101 6.38 -4.75 -30.45
C ARG C 101 7.79 -5.29 -30.58
N GLN C 102 7.97 -6.55 -30.24
CA GLN C 102 9.13 -7.29 -30.72
C GLN C 102 8.98 -7.55 -32.22
N GLY C 103 10.07 -7.37 -32.96
CA GLY C 103 10.01 -7.51 -34.40
C GLY C 103 9.94 -8.98 -34.81
N TYR C 104 9.93 -9.18 -36.13
CA TYR C 104 9.98 -10.51 -36.72
C TYR C 104 11.40 -11.06 -36.61
N ARG C 105 11.49 -12.35 -36.27
CA ARG C 105 12.76 -12.94 -35.84
C ARG C 105 13.85 -12.76 -36.89
N ARG C 106 13.54 -13.09 -38.14
CA ARG C 106 14.52 -13.05 -39.21
C ARG C 106 14.91 -11.64 -39.60
N ARG C 107 14.17 -10.62 -39.14
CA ARG C 107 14.46 -9.25 -39.54
C ARG C 107 15.16 -8.43 -38.46
N SER C 108 14.78 -8.56 -37.20
CA SER C 108 15.44 -7.80 -36.14
C SER C 108 15.55 -8.62 -34.86
N GLY C 109 15.72 -9.94 -34.98
CA GLY C 109 15.92 -10.76 -33.81
C GLY C 109 14.80 -10.59 -32.81
N ARG C 110 15.15 -10.36 -31.55
CA ARG C 110 14.20 -10.08 -30.48
C ARG C 110 14.20 -8.59 -30.05
N GLY C 111 14.77 -7.70 -30.86
CA GLY C 111 14.71 -6.28 -30.54
C GLY C 111 13.29 -5.74 -30.60
N PHE C 112 13.03 -4.71 -29.82
CA PHE C 112 11.72 -4.06 -29.86
C PHE C 112 11.81 -2.95 -30.89
N ASP C 113 11.24 -3.18 -32.08
CA ASP C 113 11.43 -2.34 -33.25
C ASP C 113 10.41 -1.21 -33.38
N TYR C 114 9.31 -1.24 -32.63
CA TYR C 114 8.35 -0.14 -32.60
C TYR C 114 7.82 0.07 -31.19
N TRP C 115 7.75 1.32 -30.76
CA TRP C 115 7.20 1.67 -29.46
C TRP C 115 6.12 2.71 -29.62
N GLY C 116 5.05 2.57 -28.86
CA GLY C 116 4.13 3.67 -28.66
C GLY C 116 4.77 4.82 -27.88
N GLN C 117 4.01 5.88 -27.70
CA GLN C 117 4.57 7.03 -27.01
C GLN C 117 4.35 6.99 -25.51
N GLY C 118 3.78 5.92 -25.00
CA GLY C 118 3.71 5.74 -23.56
C GLY C 118 2.50 6.44 -22.98
N THR C 119 2.03 5.94 -21.85
CA THR C 119 0.96 6.57 -21.10
C THR C 119 1.38 6.61 -19.64
N LEU C 120 0.94 7.63 -18.93
CA LEU C 120 1.41 7.95 -17.59
C LEU C 120 0.47 7.35 -16.56
N VAL C 121 1.02 6.67 -15.57
CA VAL C 121 0.25 6.17 -14.45
C VAL C 121 0.77 6.85 -13.19
N THR C 122 -0.12 7.50 -12.45
CA THR C 122 0.24 8.07 -11.17
C THR C 122 -0.50 7.33 -10.07
N VAL C 123 0.26 6.81 -9.12
CA VAL C 123 -0.32 6.17 -7.95
C VAL C 123 -0.15 7.17 -6.81
N SER C 124 -1.26 7.79 -6.42
CA SER C 124 -1.22 8.76 -5.34
C SER C 124 -2.64 8.94 -4.84
N SER C 125 -2.75 9.25 -3.55
CA SER C 125 -3.99 9.69 -2.97
C SER C 125 -4.13 11.21 -3.00
N ALA C 126 -3.10 11.92 -3.49
CA ALA C 126 -3.11 13.37 -3.43
C ALA C 126 -4.33 13.92 -4.13
N SER C 127 -4.94 14.93 -3.54
CA SER C 127 -6.04 15.60 -4.22
C SER C 127 -5.50 16.68 -5.13
N THR C 128 -6.34 17.11 -6.08
CA THR C 128 -5.96 18.23 -6.91
C THR C 128 -5.87 19.49 -6.07
N LYS C 129 -4.79 20.24 -6.29
CA LYS C 129 -4.49 21.38 -5.43
C LYS C 129 -3.62 22.36 -6.22
N GLY C 130 -4.11 23.59 -6.40
CA GLY C 130 -3.33 24.63 -7.06
C GLY C 130 -2.12 25.05 -6.24
N PRO C 131 -1.09 25.58 -6.89
CA PRO C 131 0.15 25.93 -6.18
C PRO C 131 0.05 27.21 -5.36
N SER C 132 0.92 27.31 -4.38
CA SER C 132 1.31 28.58 -3.78
C SER C 132 2.47 29.14 -4.58
N VAL C 133 2.43 30.45 -4.85
CA VAL C 133 3.53 31.11 -5.54
C VAL C 133 4.20 32.06 -4.56
N PHE C 134 5.51 31.95 -4.43
CA PHE C 134 6.25 32.73 -3.45
C PHE C 134 7.41 33.46 -4.13
N PRO C 135 7.57 34.76 -3.88
CA PRO C 135 8.67 35.48 -4.49
C PRO C 135 10.01 34.91 -4.03
N LEU C 136 10.95 34.88 -4.96
CA LEU C 136 12.38 34.73 -4.66
C LEU C 136 12.99 36.05 -5.06
N ALA C 137 13.04 36.97 -4.09
CA ALA C 137 13.37 38.34 -4.39
C ALA C 137 14.86 38.47 -4.75
N PRO C 138 15.21 39.27 -5.73
CA PRO C 138 16.61 39.61 -5.94
C PRO C 138 17.14 40.51 -4.81
N SER C 139 18.44 40.50 -4.65
CA SER C 139 19.09 41.28 -3.59
C SER C 139 20.57 41.31 -3.90
N SER C 140 21.34 41.93 -3.00
CA SER C 140 22.78 41.73 -3.03
C SER C 140 23.12 40.24 -2.90
N LYS C 141 22.43 39.52 -2.00
CA LYS C 141 22.76 38.11 -1.79
C LYS C 141 22.37 37.24 -2.98
N SER C 142 21.89 37.86 -4.06
CA SER C 142 21.59 37.13 -5.29
C SER C 142 22.05 37.90 -6.53
N THR C 143 23.15 38.66 -6.44
CA THR C 143 23.58 39.50 -7.55
C THR C 143 24.77 38.97 -8.34
N SER C 144 25.94 38.85 -7.74
CA SER C 144 27.14 38.48 -8.50
C SER C 144 27.35 39.45 -9.69
N GLY C 145 27.78 40.66 -9.34
CA GLY C 145 28.18 41.67 -10.31
C GLY C 145 27.11 42.39 -11.12
N GLY C 146 27.10 42.17 -12.44
CA GLY C 146 26.20 42.89 -13.33
C GLY C 146 24.78 42.33 -13.45
N THR C 147 24.55 41.09 -13.06
CA THR C 147 23.23 40.53 -13.22
C THR C 147 22.64 40.19 -11.86
N ALA C 148 21.33 40.12 -11.78
CA ALA C 148 20.69 39.67 -10.57
C ALA C 148 19.80 38.47 -10.90
N ALA C 149 19.72 37.54 -9.97
CA ALA C 149 18.83 36.41 -10.13
C ALA C 149 17.57 36.70 -9.36
N LEU C 150 16.45 36.22 -9.89
CA LEU C 150 15.18 36.35 -9.21
C LEU C 150 14.34 35.20 -9.68
N GLY C 151 13.20 35.01 -9.01
CA GLY C 151 12.47 33.81 -9.26
C GLY C 151 11.19 33.74 -8.48
N CYS C 152 10.52 32.61 -8.68
CA CYS C 152 9.29 32.22 -8.01
C CYS C 152 9.42 30.79 -7.52
N LEU C 153 8.90 30.56 -6.34
CA LEU C 153 8.74 29.23 -5.79
C LEU C 153 7.29 28.84 -6.00
N VAL C 154 7.08 27.81 -6.81
CA VAL C 154 5.75 27.26 -7.10
C VAL C 154 5.58 26.03 -6.22
N LYS C 155 4.74 26.13 -5.20
CA LYS C 155 4.85 25.18 -4.10
C LYS C 155 3.50 24.53 -3.78
N ASP C 156 3.54 23.22 -3.55
CA ASP C 156 2.43 22.45 -2.99
C ASP C 156 1.21 22.36 -3.90
N TYR C 157 1.44 21.87 -5.11
CA TYR C 157 0.39 21.65 -6.08
C TYR C 157 0.31 20.18 -6.44
N PHE C 158 -0.86 19.78 -6.94
CA PHE C 158 -0.97 18.42 -7.44
C PHE C 158 -2.12 18.40 -8.42
N PRO C 159 -1.97 17.72 -9.54
CA PRO C 159 -0.77 16.98 -9.96
C PRO C 159 0.09 17.76 -10.96
N GLU C 160 1.13 17.15 -11.50
CA GLU C 160 1.88 17.78 -12.57
C GLU C 160 0.96 18.01 -13.76
N PRO C 161 1.25 18.99 -14.63
CA PRO C 161 2.33 19.98 -14.60
C PRO C 161 1.77 21.34 -14.27
N VAL C 162 2.66 22.29 -13.95
CA VAL C 162 2.35 23.69 -14.06
C VAL C 162 3.13 24.24 -15.25
N THR C 163 2.73 25.43 -15.67
CA THR C 163 3.55 26.20 -16.57
C THR C 163 3.91 27.50 -15.90
N VAL C 164 5.15 27.92 -16.07
CA VAL C 164 5.64 29.16 -15.51
C VAL C 164 6.16 30.02 -16.64
N SER C 165 5.63 31.25 -16.74
CA SER C 165 6.15 32.21 -17.70
C SER C 165 6.48 33.51 -16.96
N TRP C 166 7.33 34.34 -17.58
CA TRP C 166 7.75 35.63 -17.03
C TRP C 166 7.19 36.79 -17.87
N ASN C 167 6.59 37.76 -17.21
CA ASN C 167 6.04 38.92 -17.92
C ASN C 167 5.12 38.45 -19.04
N SER C 168 4.24 37.50 -18.70
CA SER C 168 3.23 36.97 -19.61
C SER C 168 3.85 36.43 -20.87
N GLY C 169 5.03 35.84 -20.76
CA GLY C 169 5.66 35.21 -21.89
C GLY C 169 6.65 36.07 -22.62
N ALA C 170 6.61 37.38 -22.39
CA ALA C 170 7.50 38.26 -23.14
C ALA C 170 8.96 38.07 -22.77
N LEU C 171 9.22 37.55 -21.58
CA LEU C 171 10.58 37.41 -21.04
C LEU C 171 10.92 35.94 -21.07
N THR C 172 11.90 35.57 -21.88
CA THR C 172 12.18 34.16 -22.07
C THR C 172 13.65 33.85 -21.92
N SER C 173 14.51 34.77 -22.31
CA SER C 173 15.94 34.50 -22.24
C SER C 173 16.45 34.66 -20.79
N GLY C 174 17.36 33.79 -20.41
CA GLY C 174 17.82 33.72 -19.04
C GLY C 174 16.95 32.94 -18.09
N VAL C 175 15.81 32.40 -18.55
CA VAL C 175 14.85 31.71 -17.70
C VAL C 175 15.25 30.26 -17.58
N HIS C 176 15.30 29.76 -16.35
CA HIS C 176 15.38 28.34 -16.07
C HIS C 176 14.22 28.00 -15.16
N THR C 177 13.33 27.14 -15.62
CA THR C 177 12.28 26.58 -14.78
C THR C 177 12.63 25.13 -14.45
N PHE C 178 12.78 24.85 -13.19
CA PHE C 178 13.38 23.58 -12.83
C PHE C 178 12.38 22.44 -12.92
N PRO C 179 12.87 21.21 -13.05
CA PRO C 179 11.97 20.07 -12.85
C PRO C 179 11.42 20.12 -11.45
N ALA C 180 10.16 19.75 -11.31
CA ALA C 180 9.52 19.68 -10.01
C ALA C 180 10.02 18.49 -9.18
N VAL C 181 9.88 18.61 -7.88
CA VAL C 181 10.20 17.55 -6.94
C VAL C 181 8.94 17.21 -6.18
N LEU C 182 8.84 15.96 -5.79
CA LEU C 182 7.70 15.46 -5.05
C LEU C 182 8.09 15.42 -3.58
N GLN C 183 7.39 16.18 -2.77
CA GLN C 183 7.67 16.30 -1.35
C GLN C 183 7.02 15.16 -0.56
N SER C 184 7.48 14.99 0.69
CA SER C 184 6.86 13.99 1.53
C SER C 184 5.40 14.32 1.86
N SER C 185 4.95 15.51 1.54
CA SER C 185 3.52 15.85 1.56
C SER C 185 2.73 15.23 0.40
N GLY C 186 3.39 14.57 -0.55
CA GLY C 186 2.71 14.13 -1.73
C GLY C 186 2.43 15.23 -2.74
N LEU C 187 2.81 16.47 -2.46
CA LEU C 187 2.62 17.55 -3.40
C LEU C 187 3.91 17.91 -4.12
N TYR C 188 3.77 18.52 -5.29
CA TYR C 188 4.94 18.93 -6.04
C TYR C 188 5.40 20.33 -5.66
N SER C 189 6.63 20.63 -6.02
CA SER C 189 7.16 21.96 -5.78
C SER C 189 8.27 22.21 -6.78
N LEU C 190 8.23 23.36 -7.44
CA LEU C 190 9.32 23.73 -8.34
C LEU C 190 9.69 25.20 -8.16
N SER C 191 10.80 25.58 -8.75
CA SER C 191 11.21 26.97 -8.82
C SER C 191 11.44 27.39 -10.27
N SER C 192 11.30 28.70 -10.51
CA SER C 192 11.62 29.27 -11.80
C SER C 192 12.46 30.51 -11.54
N VAL C 193 13.57 30.65 -12.26
CA VAL C 193 14.46 31.78 -12.02
C VAL C 193 14.90 32.40 -13.33
N VAL C 194 15.07 33.73 -13.33
CA VAL C 194 15.59 34.46 -14.47
C VAL C 194 16.65 35.44 -13.98
N THR C 195 17.74 35.50 -14.72
CA THR C 195 18.75 36.50 -14.45
C THR C 195 18.51 37.69 -15.38
N VAL C 196 18.72 38.89 -14.84
CA VAL C 196 18.44 40.15 -15.53
C VAL C 196 19.56 41.12 -15.19
N PRO C 197 19.74 42.16 -16.00
CA PRO C 197 20.65 43.25 -15.62
C PRO C 197 20.25 43.85 -14.29
N SER C 198 21.21 43.90 -13.37
CA SER C 198 20.91 44.50 -12.07
C SER C 198 20.43 45.95 -12.21
N SER C 199 20.87 46.65 -13.25
CA SER C 199 20.49 48.06 -13.40
C SER C 199 19.00 48.26 -13.64
N SER C 200 18.25 47.21 -13.97
CA SER C 200 16.82 47.30 -14.25
C SER C 200 15.95 46.95 -13.04
N LEU C 201 16.55 46.56 -11.92
CA LEU C 201 15.74 46.14 -10.80
C LEU C 201 14.88 47.26 -10.26
N GLY C 202 15.33 48.52 -10.37
CA GLY C 202 14.49 49.63 -9.98
C GLY C 202 13.45 50.07 -11.00
N THR C 203 13.61 49.74 -12.27
CA THR C 203 12.75 50.34 -13.28
C THR C 203 11.77 49.38 -13.96
N GLN C 204 12.13 48.11 -14.13
CA GLN C 204 11.30 47.16 -14.87
C GLN C 204 10.65 46.20 -13.90
N THR C 205 9.33 46.04 -13.98
CA THR C 205 8.68 45.07 -13.13
C THR C 205 8.77 43.68 -13.76
N TYR C 206 8.72 42.67 -12.89
CA TYR C 206 8.86 41.28 -13.25
C TYR C 206 7.76 40.52 -12.55
N ILE C 207 6.99 39.76 -13.33
CA ILE C 207 5.83 39.04 -12.85
C ILE C 207 5.93 37.63 -13.38
N CYS C 208 6.10 36.67 -12.49
CA CYS C 208 6.07 35.29 -12.93
C CYS C 208 4.62 34.86 -12.97
N ASN C 209 4.24 34.23 -14.09
CA ASN C 209 2.88 33.76 -14.33
C ASN C 209 2.84 32.24 -14.24
N VAL C 210 2.06 31.72 -13.30
CA VAL C 210 2.00 30.30 -13.02
C VAL C 210 0.60 29.84 -13.39
N ASN C 211 0.52 28.85 -14.27
CA ASN C 211 -0.75 28.29 -14.70
C ASN C 211 -0.78 26.82 -14.33
N HIS C 212 -1.85 26.39 -13.64
CA HIS C 212 -2.06 24.99 -13.25
C HIS C 212 -3.46 24.55 -13.67
N LYS C 213 -3.58 24.08 -14.90
CA LYS C 213 -4.90 23.82 -15.46
C LYS C 213 -5.73 22.79 -14.68
N PRO C 214 -5.15 21.70 -14.13
CA PRO C 214 -5.98 20.79 -13.31
C PRO C 214 -6.87 21.47 -12.28
N SER C 215 -6.29 22.36 -11.48
CA SER C 215 -7.03 23.10 -10.47
C SER C 215 -7.58 24.43 -10.97
N ASN C 216 -7.41 24.75 -12.26
CA ASN C 216 -7.93 26.01 -12.79
C ASN C 216 -7.40 27.19 -11.97
N THR C 217 -6.08 27.26 -11.89
CA THR C 217 -5.41 28.32 -11.16
C THR C 217 -4.47 29.04 -12.11
N LYS C 218 -4.57 30.36 -12.11
CA LYS C 218 -3.69 31.23 -12.89
C LYS C 218 -3.29 32.33 -11.93
N VAL C 219 -1.98 32.47 -11.73
CA VAL C 219 -1.44 33.31 -10.67
C VAL C 219 -0.40 34.24 -11.26
N ASP C 220 -0.46 35.51 -10.89
CA ASP C 220 0.57 36.48 -11.26
C ASP C 220 1.21 37.01 -10.00
N LYS C 221 2.49 36.73 -9.82
CA LYS C 221 3.26 37.24 -8.68
C LYS C 221 4.27 38.28 -9.13
N LYS C 222 4.14 39.49 -8.61
CA LYS C 222 5.20 40.46 -8.79
C LYS C 222 6.37 40.08 -7.88
N VAL C 223 7.57 40.01 -8.46
CA VAL C 223 8.78 39.75 -7.68
C VAL C 223 9.53 41.07 -7.53
N GLU C 224 9.62 41.52 -6.29
CA GLU C 224 10.12 42.85 -5.97
C GLU C 224 11.45 42.75 -5.24
N PRO C 225 12.38 43.64 -5.50
CA PRO C 225 13.64 43.62 -4.76
C PRO C 225 13.40 43.81 -3.28
N LYS C 226 14.20 43.11 -2.48
CA LYS C 226 14.24 43.34 -1.04
C LYS C 226 15.31 44.38 -0.80
N SER C 227 14.90 45.51 -0.24
CA SER C 227 15.70 46.73 -0.19
C SER C 227 15.81 47.29 1.20
N CYS C 228 14.77 47.18 2.02
CA CYS C 228 14.76 47.54 3.43
C CYS C 228 16.12 47.49 4.14
N SER D 1 16.13 -16.74 -11.04
CA SER D 1 17.27 -16.56 -11.92
C SER D 1 17.16 -15.26 -12.75
N ASP D 2 17.30 -14.10 -12.09
CA ASP D 2 17.36 -12.81 -12.78
C ASP D 2 18.77 -12.54 -13.31
N ILE D 3 18.85 -12.24 -14.60
CA ILE D 3 20.06 -11.80 -15.24
C ILE D 3 20.16 -10.29 -15.08
N GLN D 4 21.26 -9.81 -14.53
CA GLN D 4 21.50 -8.38 -14.40
C GLN D 4 22.35 -7.89 -15.55
N MET D 5 21.97 -6.75 -16.10
CA MET D 5 22.73 -6.02 -17.10
C MET D 5 23.17 -4.73 -16.46
N THR D 6 24.47 -4.45 -16.52
CA THR D 6 25.01 -3.25 -15.91
C THR D 6 25.77 -2.47 -16.96
N GLN D 7 25.36 -1.23 -17.20
CA GLN D 7 26.05 -0.39 -18.16
C GLN D 7 27.09 0.47 -17.47
N SER D 8 28.07 0.89 -18.25
CA SER D 8 29.08 1.82 -17.81
C SER D 8 29.55 2.49 -19.09
N PRO D 9 29.80 3.81 -19.04
CA PRO D 9 29.62 4.69 -17.89
C PRO D 9 28.13 4.96 -17.66
N SER D 10 27.68 5.43 -16.50
CA SER D 10 26.29 5.89 -16.43
C SER D 10 26.13 7.26 -17.09
N SER D 11 27.20 8.05 -17.13
CA SER D 11 27.19 9.31 -17.85
C SER D 11 28.51 9.50 -18.57
N LEU D 12 28.44 10.14 -19.74
CA LEU D 12 29.57 10.20 -20.66
C LEU D 12 29.60 11.58 -21.30
N SER D 13 30.74 12.25 -21.23
CA SER D 13 30.91 13.57 -21.83
C SER D 13 31.66 13.40 -23.14
N ALA D 14 31.05 13.85 -24.23
CA ALA D 14 31.74 13.77 -25.51
C ALA D 14 31.35 14.95 -26.38
N SER D 15 32.13 15.19 -27.42
CA SER D 15 31.78 16.20 -28.41
C SER D 15 31.76 15.58 -29.80
N VAL D 16 31.17 16.33 -30.75
CA VAL D 16 31.03 15.89 -32.14
C VAL D 16 32.36 15.38 -32.68
N GLY D 17 32.31 14.25 -33.40
CA GLY D 17 33.48 13.64 -33.98
C GLY D 17 34.18 12.59 -33.13
N ASP D 18 33.72 12.36 -31.90
CA ASP D 18 34.32 11.43 -30.97
C ASP D 18 33.96 9.97 -31.24
N ARG D 19 34.92 9.08 -31.03
CA ARG D 19 34.61 7.66 -30.93
C ARG D 19 34.05 7.38 -29.53
N VAL D 20 32.84 6.83 -29.47
CA VAL D 20 32.12 6.58 -28.23
C VAL D 20 31.84 5.09 -28.12
N THR D 21 32.14 4.51 -26.96
CA THR D 21 31.81 3.11 -26.69
C THR D 21 31.15 3.00 -25.32
N ILE D 22 29.94 2.47 -25.30
CA ILE D 22 29.21 2.13 -24.09
C ILE D 22 29.31 0.62 -23.92
N THR D 23 29.61 0.15 -22.70
CA THR D 23 29.59 -1.30 -22.51
C THR D 23 28.50 -1.72 -21.53
N CYS D 24 28.16 -3.00 -21.61
CA CYS D 24 27.16 -3.59 -20.73
C CYS D 24 27.56 -5.04 -20.53
N ARG D 25 27.56 -5.49 -19.28
CA ARG D 25 28.08 -6.80 -18.92
C ARG D 25 26.96 -7.58 -18.25
N ALA D 26 26.53 -8.66 -18.89
CA ALA D 26 25.50 -9.54 -18.35
C ALA D 26 26.05 -10.38 -17.20
N SER D 27 25.18 -10.61 -16.22
CA SER D 27 25.54 -11.38 -15.03
C SER D 27 25.62 -12.89 -15.27
N GLN D 28 25.01 -13.37 -16.35
CA GLN D 28 25.15 -14.75 -16.82
C GLN D 28 25.19 -14.71 -18.33
N SER D 29 25.38 -15.88 -18.92
CA SER D 29 25.29 -15.98 -20.37
C SER D 29 23.94 -15.46 -20.83
N VAL D 30 23.97 -14.58 -21.84
CA VAL D 30 22.78 -14.18 -22.55
C VAL D 30 22.93 -14.47 -24.04
N SER D 31 23.84 -15.37 -24.40
CA SER D 31 24.12 -15.74 -25.78
C SER D 31 24.37 -14.44 -26.54
N SER D 32 23.67 -14.19 -27.64
CA SER D 32 23.77 -12.96 -28.39
C SER D 32 22.44 -12.24 -28.47
N ALA D 33 21.58 -12.39 -27.45
CA ALA D 33 20.24 -11.81 -27.49
C ALA D 33 20.21 -10.43 -26.82
N VAL D 34 20.93 -9.50 -27.43
CA VAL D 34 21.12 -8.19 -26.82
C VAL D 34 20.68 -7.10 -27.78
N ALA D 35 19.82 -6.23 -27.32
CA ALA D 35 19.39 -5.11 -28.13
C ALA D 35 19.88 -3.82 -27.48
N TRP D 36 20.18 -2.85 -28.33
CA TRP D 36 20.53 -1.51 -27.92
C TRP D 36 19.48 -0.52 -28.41
N TYR D 37 19.19 0.45 -27.56
CA TYR D 37 18.15 1.44 -27.79
C TYR D 37 18.69 2.84 -27.49
N GLN D 38 18.19 3.80 -28.27
CA GLN D 38 18.43 5.22 -28.05
C GLN D 38 17.13 5.85 -27.58
N GLN D 39 17.17 6.67 -26.52
CA GLN D 39 15.99 7.37 -26.03
C GLN D 39 16.34 8.83 -25.80
N LYS D 40 15.51 9.71 -26.35
CA LYS D 40 15.64 11.14 -26.21
C LYS D 40 14.61 11.67 -25.22
N PRO D 41 14.92 12.76 -24.53
CA PRO D 41 14.05 13.21 -23.45
C PRO D 41 12.63 13.38 -23.92
N GLY D 42 11.69 12.78 -23.17
CA GLY D 42 10.30 12.93 -23.51
C GLY D 42 9.84 12.14 -24.70
N LYS D 43 10.65 11.22 -25.22
CA LYS D 43 10.33 10.45 -26.42
C LYS D 43 10.49 8.97 -26.16
N ALA D 44 9.90 8.20 -26.98
CA ALA D 44 10.02 6.77 -26.76
C ALA D 44 11.34 6.23 -27.32
N PRO D 45 11.85 5.15 -26.75
CA PRO D 45 13.12 4.57 -27.23
C PRO D 45 13.05 4.19 -28.71
N LYS D 46 14.22 4.09 -29.32
CA LYS D 46 14.35 3.66 -30.71
C LYS D 46 15.43 2.59 -30.83
N LEU D 47 15.15 1.56 -31.62
CA LEU D 47 16.02 0.41 -31.75
C LEU D 47 17.21 0.73 -32.65
N LEU D 48 18.40 0.35 -32.18
CA LEU D 48 19.67 0.54 -32.87
C LEU D 48 20.31 -0.76 -33.33
N ILE D 49 20.47 -1.71 -32.42
CA ILE D 49 21.19 -2.95 -32.66
C ILE D 49 20.28 -4.06 -32.20
N TYR D 50 20.16 -5.11 -33.01
CA TYR D 50 19.44 -6.28 -32.56
C TYR D 50 20.41 -7.45 -32.57
N SER D 51 19.93 -8.58 -32.03
CA SER D 51 20.76 -9.72 -31.74
C SER D 51 21.89 -9.25 -30.86
N ALA D 52 23.09 -8.99 -31.36
CA ALA D 52 23.99 -8.15 -30.56
C ALA D 52 24.84 -7.21 -31.38
N SER D 53 24.94 -7.43 -32.68
CA SER D 53 25.87 -6.74 -33.55
C SER D 53 25.22 -6.46 -34.88
N SER D 54 23.93 -6.70 -35.03
CA SER D 54 23.23 -6.44 -36.29
C SER D 54 22.61 -5.06 -36.25
N LEU D 55 22.95 -4.25 -37.26
CA LEU D 55 22.41 -2.90 -37.38
C LEU D 55 20.95 -2.96 -37.79
N TYR D 56 20.07 -2.44 -36.93
CA TYR D 56 18.66 -2.43 -37.26
C TYR D 56 18.43 -1.55 -38.48
N SER D 57 17.45 -1.94 -39.30
CA SER D 57 17.18 -1.26 -40.55
C SER D 57 16.89 0.22 -40.32
N GLY D 58 17.49 1.07 -41.15
CA GLY D 58 17.30 2.50 -41.07
C GLY D 58 18.18 3.25 -40.09
N VAL D 59 19.05 2.55 -39.36
CA VAL D 59 19.94 3.17 -38.37
C VAL D 59 21.26 3.54 -39.05
N PRO D 60 21.81 4.72 -38.81
CA PRO D 60 23.06 5.13 -39.47
C PRO D 60 24.24 4.23 -39.16
N SER D 61 25.08 4.03 -40.18
CA SER D 61 26.15 3.05 -40.10
C SER D 61 27.18 3.36 -39.03
N ARG D 62 27.23 4.61 -38.54
CA ARG D 62 28.17 4.97 -37.50
C ARG D 62 27.91 4.24 -36.20
N PHE D 63 26.73 3.64 -36.03
CA PHE D 63 26.45 2.80 -34.87
C PHE D 63 26.87 1.38 -35.16
N SER D 64 27.47 0.73 -34.15
CA SER D 64 27.86 -0.67 -34.26
C SER D 64 27.78 -1.31 -32.88
N GLY D 65 27.62 -2.63 -32.86
CA GLY D 65 27.58 -3.38 -31.63
C GLY D 65 28.52 -4.56 -31.71
N SER D 66 28.87 -5.08 -30.53
CA SER D 66 29.86 -6.12 -30.49
C SER D 66 29.67 -6.94 -29.22
N ARG D 67 30.02 -8.23 -29.32
CA ARG D 67 29.84 -9.16 -28.21
C ARG D 67 31.19 -9.81 -27.93
N SER D 68 31.57 -9.79 -26.66
CA SER D 68 32.71 -10.54 -26.15
C SER D 68 32.27 -11.21 -24.87
N GLY D 69 31.99 -12.50 -24.96
CA GLY D 69 31.49 -13.24 -23.81
C GLY D 69 30.20 -12.64 -23.33
N THR D 70 30.19 -12.23 -22.06
CA THR D 70 29.10 -11.49 -21.44
C THR D 70 29.32 -9.98 -21.51
N ASP D 71 30.39 -9.52 -22.16
CA ASP D 71 30.66 -8.09 -22.32
C ASP D 71 30.03 -7.63 -23.63
N PHE D 72 29.15 -6.63 -23.56
CA PHE D 72 28.53 -6.08 -24.74
C PHE D 72 28.88 -4.60 -24.88
N THR D 73 29.32 -4.21 -26.07
CA THR D 73 29.72 -2.84 -26.36
C THR D 73 28.92 -2.31 -27.55
N LEU D 74 28.24 -1.18 -27.34
CA LEU D 74 27.74 -0.31 -28.40
C LEU D 74 28.74 0.81 -28.68
N THR D 75 29.12 1.00 -29.94
CA THR D 75 29.99 2.11 -30.31
C THR D 75 29.36 3.01 -31.36
N ILE D 76 29.63 4.29 -31.26
CA ILE D 76 29.33 5.24 -32.32
C ILE D 76 30.67 5.67 -32.92
N SER D 77 30.87 5.38 -34.19
CA SER D 77 32.18 5.56 -34.79
C SER D 77 32.59 7.02 -34.79
N SER D 78 31.64 7.92 -35.04
CA SER D 78 31.90 9.36 -35.08
C SER D 78 30.62 10.07 -34.68
N LEU D 79 30.60 10.61 -33.46
CA LEU D 79 29.39 11.19 -32.90
C LEU D 79 28.90 12.37 -33.74
N GLN D 80 27.61 12.38 -34.04
CA GLN D 80 26.88 13.47 -34.69
C GLN D 80 26.04 14.24 -33.66
N PRO D 81 25.70 15.51 -33.94
CA PRO D 81 24.98 16.32 -32.93
C PRO D 81 23.63 15.75 -32.55
N GLU D 82 23.00 14.96 -33.41
CA GLU D 82 21.76 14.33 -33.02
C GLU D 82 21.95 13.09 -32.16
N ASP D 83 23.17 12.70 -31.82
CA ASP D 83 23.41 11.50 -31.02
C ASP D 83 23.45 11.75 -29.51
N PHE D 84 23.31 12.98 -29.03
CA PHE D 84 23.25 13.18 -27.58
C PHE D 84 21.92 12.70 -27.04
N ALA D 85 21.98 11.70 -26.16
CA ALA D 85 20.80 10.94 -25.76
C ALA D 85 21.20 10.00 -24.63
N THR D 86 20.22 9.24 -24.14
CA THR D 86 20.48 8.14 -23.23
C THR D 86 20.35 6.84 -24.00
N TYR D 87 21.29 5.93 -23.81
CA TYR D 87 21.30 4.64 -24.49
C TYR D 87 21.15 3.50 -23.49
N TYR D 88 20.41 2.45 -23.91
CA TYR D 88 20.13 1.30 -23.08
C TYR D 88 20.46 0.00 -23.80
N CYS D 89 21.16 -0.92 -23.11
CA CYS D 89 21.25 -2.30 -23.53
C CYS D 89 20.06 -3.07 -22.96
N GLN D 90 19.69 -4.15 -23.64
CA GLN D 90 18.66 -5.05 -23.15
C GLN D 90 19.05 -6.50 -23.45
N GLN D 91 18.84 -7.40 -22.50
CA GLN D 91 18.96 -8.83 -22.77
C GLN D 91 17.57 -9.42 -23.00
N SER D 92 17.43 -10.21 -24.06
CA SER D 92 16.20 -10.93 -24.33
C SER D 92 16.48 -12.42 -24.46
N TYR D 93 17.53 -12.88 -23.75
CA TYR D 93 17.87 -14.29 -23.78
C TYR D 93 16.82 -15.13 -23.05
N SER D 94 16.30 -14.64 -21.93
CA SER D 94 15.28 -15.38 -21.19
C SER D 94 14.41 -14.43 -20.37
N PHE D 95 13.22 -14.86 -20.11
CA PHE D 95 12.33 -14.07 -19.28
C PHE D 95 12.66 -14.25 -17.81
N PRO D 96 12.54 -13.20 -16.99
CA PRO D 96 12.12 -11.83 -17.33
C PRO D 96 13.21 -11.02 -18.04
N SER D 97 12.84 -10.10 -18.91
CA SER D 97 13.84 -9.37 -19.65
C SER D 97 14.48 -8.31 -18.78
N THR D 98 15.62 -7.83 -19.21
CA THR D 98 16.34 -6.86 -18.41
C THR D 98 16.91 -5.77 -19.29
N PHE D 99 16.74 -4.52 -18.88
CA PHE D 99 17.44 -3.40 -19.46
C PHE D 99 18.55 -2.97 -18.54
N GLY D 100 19.62 -2.44 -19.11
CA GLY D 100 20.62 -1.75 -18.32
C GLY D 100 20.10 -0.44 -17.75
N GLN D 101 20.91 0.14 -16.86
CA GLN D 101 20.50 1.39 -16.20
C GLN D 101 20.54 2.59 -17.15
N GLY D 102 21.24 2.48 -18.28
CA GLY D 102 21.24 3.55 -19.26
C GLY D 102 22.45 4.43 -19.18
N THR D 103 22.97 4.83 -20.33
CA THR D 103 24.15 5.67 -20.38
C THR D 103 23.76 6.99 -21.02
N LYS D 104 23.87 8.08 -20.26
CA LYS D 104 23.54 9.40 -20.80
C LYS D 104 24.78 10.01 -21.44
N VAL D 105 24.63 10.44 -22.69
CA VAL D 105 25.72 11.08 -23.44
C VAL D 105 25.41 12.56 -23.52
N GLU D 106 26.27 13.36 -22.90
CA GLU D 106 26.10 14.80 -22.74
C GLU D 106 27.17 15.55 -23.54
N ILE D 107 26.93 16.84 -23.73
CA ILE D 107 27.80 17.66 -24.56
C ILE D 107 29.00 18.11 -23.74
N LYS D 108 30.20 17.83 -24.23
CA LYS D 108 31.42 18.24 -23.53
C LYS D 108 31.75 19.70 -23.84
N ARG D 109 32.08 20.47 -22.79
CA ARG D 109 32.56 21.85 -22.97
C ARG D 109 33.59 22.14 -21.90
N THR D 110 34.11 23.37 -21.90
CA THR D 110 35.03 23.75 -20.85
C THR D 110 34.28 23.97 -19.54
N VAL D 111 35.06 23.96 -18.46
CA VAL D 111 34.50 24.14 -17.14
C VAL D 111 33.96 25.55 -17.00
N ALA D 112 32.82 25.68 -16.33
CA ALA D 112 32.23 26.95 -15.99
C ALA D 112 31.85 26.90 -14.52
N ALA D 113 32.31 27.85 -13.76
CA ALA D 113 31.93 27.73 -12.37
C ALA D 113 30.51 28.25 -12.17
N PRO D 114 29.77 27.66 -11.24
CA PRO D 114 28.42 28.14 -10.97
C PRO D 114 28.47 29.49 -10.30
N SER D 115 27.60 30.39 -10.73
CA SER D 115 27.28 31.55 -9.92
C SER D 115 26.19 31.14 -8.95
N VAL D 116 26.38 31.48 -7.68
CA VAL D 116 25.59 30.91 -6.59
C VAL D 116 24.78 32.01 -5.94
N PHE D 117 23.50 31.76 -5.79
CA PHE D 117 22.61 32.72 -5.21
C PHE D 117 21.84 32.01 -4.12
N ILE D 118 21.48 32.73 -3.09
CA ILE D 118 20.61 32.17 -2.08
C ILE D 118 19.42 33.10 -1.92
N PHE D 119 18.28 32.53 -1.58
CA PHE D 119 17.02 33.27 -1.46
C PHE D 119 16.33 32.94 -0.16
N PRO D 120 16.28 33.85 0.81
CA PRO D 120 15.60 33.53 2.09
C PRO D 120 14.11 33.40 1.89
N PRO D 121 13.40 32.79 2.84
CA PRO D 121 11.95 32.56 2.63
C PRO D 121 11.16 33.86 2.60
N SER D 122 10.14 33.88 1.77
CA SER D 122 9.32 35.07 1.66
C SER D 122 8.54 35.29 2.96
N ASP D 123 8.14 36.54 3.17
CA ASP D 123 7.21 36.80 4.26
C ASP D 123 5.86 36.19 3.98
N GLU D 124 5.42 36.24 2.71
CA GLU D 124 4.18 35.56 2.35
C GLU D 124 4.22 34.11 2.80
N GLN D 125 5.34 33.42 2.59
CA GLN D 125 5.41 32.02 2.98
C GLN D 125 5.38 31.85 4.51
N LEU D 126 6.13 32.67 5.24
CA LEU D 126 6.20 32.44 6.67
C LEU D 126 4.83 32.52 7.31
N LYS D 127 3.91 33.29 6.74
CA LYS D 127 2.58 33.36 7.34
C LYS D 127 1.90 32.00 7.35
N SER D 128 2.22 31.14 6.37
CA SER D 128 1.53 29.87 6.25
C SER D 128 2.12 28.78 7.14
N GLY D 129 3.24 29.06 7.83
CA GLY D 129 3.82 28.10 8.76
C GLY D 129 5.02 27.32 8.26
N THR D 130 5.42 27.48 7.00
CA THR D 130 6.57 26.78 6.47
C THR D 130 7.61 27.77 6.00
N ALA D 131 8.88 27.38 6.07
CA ALA D 131 9.96 28.22 5.57
C ALA D 131 10.78 27.44 4.56
N SER D 132 10.85 27.94 3.33
CA SER D 132 11.65 27.33 2.29
C SER D 132 12.80 28.28 1.98
N VAL D 133 14.00 27.75 1.94
CA VAL D 133 15.17 28.54 1.60
C VAL D 133 15.73 27.92 0.35
N VAL D 134 16.04 28.77 -0.64
CA VAL D 134 16.44 28.30 -1.95
C VAL D 134 17.85 28.79 -2.25
N CYS D 135 18.66 27.88 -2.78
CA CYS D 135 20.00 28.16 -3.26
C CYS D 135 20.01 27.81 -4.73
N LEU D 136 20.43 28.74 -5.58
CA LEU D 136 20.50 28.55 -7.02
C LEU D 136 21.96 28.46 -7.44
N LEU D 137 22.27 27.45 -8.23
CA LEU D 137 23.57 27.29 -8.86
C LEU D 137 23.35 27.41 -10.35
N ASN D 138 23.93 28.43 -10.98
CA ASN D 138 23.47 28.85 -12.30
C ASN D 138 24.57 28.71 -13.34
N ASN D 139 24.28 27.97 -14.41
CA ASN D 139 25.10 27.91 -15.62
C ASN D 139 26.54 27.43 -15.36
N PHE D 140 26.66 26.21 -14.84
CA PHE D 140 27.95 25.59 -14.56
C PHE D 140 28.15 24.31 -15.36
N TYR D 141 29.41 23.89 -15.44
CA TYR D 141 29.78 22.65 -16.12
C TYR D 141 31.10 22.15 -15.52
N PRO D 142 31.26 20.85 -15.24
CA PRO D 142 30.36 19.70 -15.46
C PRO D 142 29.21 19.63 -14.47
N ARG D 143 28.34 18.61 -14.56
CA ARG D 143 27.10 18.61 -13.80
C ARG D 143 27.29 18.24 -12.31
N GLU D 144 28.29 17.45 -11.96
CA GLU D 144 28.50 17.07 -10.58
C GLU D 144 28.75 18.30 -9.72
N ALA D 145 27.95 18.46 -8.66
CA ALA D 145 28.02 19.68 -7.87
C ALA D 145 27.39 19.42 -6.51
N LYS D 146 28.20 19.49 -5.46
CA LYS D 146 27.75 19.22 -4.11
C LYS D 146 27.13 20.46 -3.50
N VAL D 147 25.91 20.35 -3.01
CA VAL D 147 25.22 21.42 -2.30
C VAL D 147 24.94 20.97 -0.88
N GLN D 148 25.43 21.73 0.08
CA GLN D 148 25.35 21.37 1.49
C GLN D 148 24.84 22.56 2.29
N TRP D 149 23.73 22.38 2.99
CA TRP D 149 23.12 23.44 3.79
C TRP D 149 23.66 23.43 5.22
N LYS D 150 23.89 24.62 5.76
CA LYS D 150 24.30 24.80 7.15
C LYS D 150 23.35 25.79 7.81
N VAL D 151 22.97 25.49 9.04
CA VAL D 151 22.11 26.37 9.82
C VAL D 151 22.81 26.61 11.14
N ASP D 152 23.34 27.81 11.29
CA ASP D 152 24.23 28.13 12.39
C ASP D 152 25.38 27.12 12.44
N ASN D 153 25.95 26.87 11.27
CA ASN D 153 27.12 26.05 11.01
C ASN D 153 26.88 24.57 11.23
N ALA D 154 25.70 24.16 11.68
CA ALA D 154 25.36 22.76 11.80
C ALA D 154 24.96 22.23 10.42
N LEU D 155 25.57 21.13 10.01
CA LEU D 155 25.21 20.52 8.73
C LEU D 155 23.78 19.96 8.76
N GLN D 156 23.10 20.05 7.62
CA GLN D 156 21.70 19.64 7.52
C GLN D 156 21.56 18.29 6.82
N SER D 157 20.62 17.46 7.30
CA SER D 157 20.33 16.18 6.71
C SER D 157 18.82 16.01 6.57
N GLY D 158 18.39 15.39 5.47
CA GLY D 158 17.02 15.03 5.26
C GLY D 158 16.06 16.17 4.97
N ASN D 159 16.52 17.41 4.86
CA ASN D 159 15.57 18.52 4.70
C ASN D 159 15.83 19.39 3.47
N SER D 160 16.55 18.87 2.47
CA SER D 160 16.71 19.57 1.21
C SER D 160 16.28 18.68 0.06
N GLN D 161 15.88 19.29 -1.05
CA GLN D 161 15.67 18.55 -2.27
C GLN D 161 16.27 19.38 -3.38
N GLU D 162 16.92 18.72 -4.35
CA GLU D 162 17.54 19.46 -5.43
C GLU D 162 16.95 19.01 -6.76
N SER D 163 17.01 19.93 -7.75
CA SER D 163 16.57 19.68 -9.11
C SER D 163 17.58 20.27 -10.09
N VAL D 164 17.83 19.59 -11.18
CA VAL D 164 18.82 20.02 -12.17
C VAL D 164 18.12 20.18 -13.51
N THR D 165 18.48 21.25 -14.22
CA THR D 165 17.95 21.46 -15.55
C THR D 165 18.64 20.51 -16.54
N GLU D 166 18.06 20.38 -17.72
CA GLU D 166 18.75 19.69 -18.80
C GLU D 166 19.88 20.57 -19.34
N GLN D 167 20.83 19.93 -20.01
CA GLN D 167 21.95 20.65 -20.63
C GLN D 167 21.44 21.67 -21.63
N ASP D 168 22.01 22.87 -21.59
CA ASP D 168 21.51 23.97 -22.41
C ASP D 168 21.82 23.76 -23.88
N SER D 169 20.85 24.11 -24.74
CA SER D 169 21.04 23.91 -26.17
C SER D 169 22.00 24.94 -26.76
N LYS D 170 22.29 26.02 -26.06
CA LYS D 170 23.15 27.08 -26.61
C LYS D 170 24.50 27.19 -25.93
N ASP D 171 24.58 27.16 -24.60
CA ASP D 171 25.89 27.14 -23.93
C ASP D 171 26.16 25.81 -23.21
N SER D 172 25.27 24.84 -23.33
CA SER D 172 25.41 23.50 -22.77
C SER D 172 25.98 23.45 -21.36
N THR D 173 25.49 24.32 -20.50
CA THR D 173 25.75 24.27 -19.07
C THR D 173 24.51 23.75 -18.37
N TYR D 174 24.61 23.64 -17.05
CA TYR D 174 23.53 23.17 -16.21
C TYR D 174 23.16 24.24 -15.19
N SER D 175 22.02 24.05 -14.54
CA SER D 175 21.65 24.88 -13.41
C SER D 175 20.91 24.02 -12.41
N LEU D 176 21.16 24.26 -11.14
CA LEU D 176 20.60 23.43 -10.09
C LEU D 176 19.91 24.32 -9.06
N SER D 177 18.93 23.75 -8.39
CA SER D 177 18.12 24.49 -7.44
C SER D 177 17.87 23.59 -6.24
N SER D 178 18.49 23.94 -5.10
CA SER D 178 18.35 23.22 -3.85
C SER D 178 17.43 23.98 -2.89
N THR D 179 16.48 23.27 -2.29
CA THR D 179 15.49 23.85 -1.39
C THR D 179 15.59 23.25 0.02
N LEU D 180 15.84 24.10 1.01
CA LEU D 180 15.76 23.71 2.41
C LEU D 180 14.37 24.04 2.97
N THR D 181 13.71 23.04 3.50
CA THR D 181 12.36 23.16 4.06
C THR D 181 12.42 23.04 5.57
N LEU D 182 11.84 24.02 6.25
CA LEU D 182 11.81 24.05 7.70
C LEU D 182 10.42 24.43 8.16
N SER D 183 10.04 23.98 9.35
CA SER D 183 8.92 24.63 9.99
C SER D 183 9.32 26.07 10.35
N LYS D 184 8.33 26.95 10.33
CA LYS D 184 8.56 28.33 10.74
C LYS D 184 9.11 28.38 12.16
N ALA D 185 8.59 27.53 13.05
CA ALA D 185 9.17 27.46 14.39
C ALA D 185 10.64 27.07 14.32
N ASP D 186 10.97 26.05 13.53
CA ASP D 186 12.39 25.71 13.39
C ASP D 186 13.16 26.88 12.81
N TYR D 187 12.57 27.57 11.85
CA TYR D 187 13.27 28.65 11.15
C TYR D 187 13.58 29.81 12.08
N GLU D 188 12.65 30.15 12.98
CA GLU D 188 12.87 31.30 13.86
C GLU D 188 13.77 30.97 15.05
N LYS D 189 14.15 29.71 15.21
CA LYS D 189 15.08 29.33 16.26
C LYS D 189 16.54 29.45 15.84
N HIS D 190 16.86 29.94 14.63
CA HIS D 190 18.26 30.06 14.24
C HIS D 190 18.49 31.31 13.39
N LYS D 191 19.76 31.59 13.14
CA LYS D 191 20.20 32.86 12.61
C LYS D 191 20.84 32.75 11.25
N VAL D 192 21.85 31.92 11.11
CA VAL D 192 22.71 31.98 9.94
C VAL D 192 22.38 30.78 9.09
N TYR D 193 21.75 31.04 7.97
CA TYR D 193 21.37 30.01 7.03
C TYR D 193 22.37 30.12 5.88
N ALA D 194 23.05 29.02 5.59
CA ALA D 194 24.18 29.05 4.67
C ALA D 194 24.14 27.87 3.71
N CYS D 195 24.45 28.17 2.45
CA CYS D 195 24.51 27.21 1.35
C CYS D 195 25.96 27.10 0.88
N GLU D 196 26.56 25.92 1.02
CA GLU D 196 27.94 25.72 0.58
C GLU D 196 27.97 24.86 -0.68
N VAL D 197 28.61 25.38 -1.72
CA VAL D 197 28.64 24.75 -3.04
C VAL D 197 30.06 24.33 -3.37
N THR D 198 30.20 23.11 -3.87
CA THR D 198 31.48 22.54 -4.24
C THR D 198 31.44 22.10 -5.70
N HIS D 199 32.31 22.69 -6.50
CA HIS D 199 32.33 22.45 -7.94
C HIS D 199 33.75 22.61 -8.42
N GLN D 200 34.03 21.96 -9.54
CA GLN D 200 35.41 21.91 -10.03
C GLN D 200 35.94 23.31 -10.32
N GLY D 201 35.10 24.18 -10.88
CA GLY D 201 35.49 25.52 -11.29
C GLY D 201 35.71 26.47 -10.16
N LEU D 202 35.42 26.05 -8.93
CA LEU D 202 35.68 26.86 -7.75
C LEU D 202 36.99 26.40 -7.15
N SER D 203 37.88 27.36 -6.84
CA SER D 203 39.14 26.99 -6.20
C SER D 203 38.88 26.26 -4.89
N SER D 204 37.91 26.74 -4.12
CA SER D 204 37.45 26.10 -2.90
C SER D 204 35.96 26.34 -2.82
N PRO D 205 35.22 25.54 -2.05
CA PRO D 205 33.77 25.68 -1.99
C PRO D 205 33.32 27.11 -1.70
N VAL D 206 32.43 27.63 -2.53
CA VAL D 206 31.87 28.95 -2.31
C VAL D 206 30.64 28.82 -1.42
N THR D 207 30.45 29.76 -0.50
CA THR D 207 29.29 29.78 0.38
C THR D 207 28.52 31.08 0.20
N LYS D 208 27.20 31.00 0.21
CA LYS D 208 26.35 32.17 0.28
C LYS D 208 25.46 32.04 1.51
N SER D 209 25.38 33.10 2.31
CA SER D 209 24.68 33.01 3.58
C SER D 209 23.87 34.27 3.84
N PHE D 210 22.95 34.17 4.79
CA PHE D 210 22.24 35.33 5.29
C PHE D 210 21.87 35.10 6.75
N ASN D 211 21.56 36.18 7.45
CA ASN D 211 20.98 36.12 8.77
C ASN D 211 19.50 36.40 8.67
N ARG D 212 18.69 35.48 9.18
CA ARG D 212 17.26 35.72 9.27
C ARG D 212 17.04 37.08 9.89
N GLY D 213 16.44 37.99 9.11
CA GLY D 213 16.28 39.37 9.53
C GLY D 213 17.40 40.28 9.08
N GLU D 214 17.76 40.23 7.79
CA GLU D 214 18.80 41.07 7.23
C GLU D 214 18.20 41.91 6.12
N CYS D 215 18.64 43.17 6.05
CA CYS D 215 18.03 44.18 5.17
C CYS D 215 18.70 44.30 3.80
C1 GOL G . -15.08 3.45 42.88
O1 GOL G . -15.47 4.17 41.74
C2 GOL G . -13.52 3.43 42.88
O2 GOL G . -12.99 3.19 44.16
C3 GOL G . -13.12 2.32 41.88
O3 GOL G . -11.72 2.33 41.82
C1 GOL H . -9.61 -27.54 18.36
O1 GOL H . -9.19 -28.53 17.49
C2 GOL H . -11.14 -27.26 18.12
O2 GOL H . -11.38 -26.59 16.90
C3 GOL H . -11.56 -26.37 19.31
O3 GOL H . -11.67 -25.08 18.78
C1 GOL I . -12.31 -8.98 32.37
O1 GOL I . -13.30 -8.61 33.35
C2 GOL I . -13.01 -10.04 31.40
O2 GOL I . -14.27 -9.58 30.91
C3 GOL I . -11.93 -10.43 30.28
O3 GOL I . -12.57 -10.40 29.00
C1 GOL J . -27.62 -47.20 -1.05
O1 GOL J . -27.62 -46.72 -2.37
C2 GOL J . -26.14 -47.14 -0.48
O2 GOL J . -26.09 -47.41 0.91
C3 GOL J . -25.61 -45.70 -0.82
O3 GOL J . -24.79 -45.79 -1.93
P PO4 K . 2.43 18.16 6.82
O1 PO4 K . 2.68 17.43 8.14
O2 PO4 K . 2.31 19.62 7.19
O3 PO4 K . 3.62 17.90 5.89
O4 PO4 K . 1.16 17.72 6.09
C1 GOL L . -8.13 -8.52 -0.17
O1 GOL L . -7.92 -8.89 1.16
C2 GOL L . -8.92 -7.19 -0.10
O2 GOL L . -8.11 -6.11 0.22
C3 GOL L . -9.64 -7.04 -1.49
O3 GOL L . -10.87 -6.42 -1.23
C1 GOL M . -21.89 -11.39 6.88
O1 GOL M . -23.27 -11.40 6.69
C2 GOL M . -21.29 -12.37 5.83
O2 GOL M . -22.04 -12.39 4.63
C3 GOL M . -19.79 -11.95 5.65
O3 GOL M . -19.76 -10.61 5.21
C1 GOL N . 6.90 -7.75 17.86
O1 GOL N . 6.77 -7.73 16.48
C2 GOL N . 5.84 -6.77 18.36
O2 GOL N . 4.67 -7.40 18.61
C3 GOL N . 6.43 -6.06 19.64
O3 GOL N . 7.80 -5.76 19.39
C1 GOL O . -10.40 -12.61 5.59
O1 GOL O . -10.55 -12.91 6.94
C2 GOL O . -9.46 -13.71 4.98
O2 GOL O . -9.36 -13.64 3.58
C3 GOL O . -8.08 -13.56 5.71
O3 GOL O . -7.09 -14.16 4.88
C1 GOL P . -14.72 -13.16 -37.30
O1 GOL P . -15.57 -12.86 -38.37
C2 GOL P . -13.93 -11.86 -36.92
O2 GOL P . -14.14 -11.50 -35.58
C3 GOL P . -12.43 -12.18 -37.25
O3 GOL P . -11.62 -11.10 -36.81
C1 GOL Q . 12.95 22.82 -7.87
O1 GOL Q . 11.99 21.78 -8.04
C2 GOL Q . 13.05 23.04 -6.31
O2 GOL Q . 14.05 22.21 -5.78
C3 GOL Q . 11.62 22.66 -5.76
O3 GOL Q . 11.26 23.47 -4.63
P PO4 R . 26.38 -18.75 -27.09
O1 PO4 R . 26.44 -18.46 -25.59
O2 PO4 R . 26.22 -17.48 -27.91
O3 PO4 R . 27.66 -19.39 -27.54
O4 PO4 R . 25.22 -19.66 -27.46
P PO4 S . 24.79 11.45 -8.00
O1 PO4 S . 25.75 10.28 -7.91
O2 PO4 S . 25.30 12.58 -7.11
O3 PO4 S . 24.68 11.94 -9.44
O4 PO4 S . 23.41 11.02 -7.54
C1 GOL T . 17.22 5.99 -36.25
O1 GOL T . 17.19 5.44 -34.93
C2 GOL T . 18.36 7.08 -36.27
O2 GOL T . 17.99 8.27 -36.93
C3 GOL T . 18.81 7.31 -34.79
O3 GOL T . 20.13 7.74 -34.91
C1 GOL U . 26.69 4.56 -0.12
O1 GOL U . 27.73 5.39 -0.56
C2 GOL U . 25.38 5.43 -0.17
O2 GOL U . 25.09 5.92 -1.44
C3 GOL U . 24.24 4.52 0.41
O3 GOL U . 23.22 4.47 -0.55
C1 GOL V . 29.43 28.52 -24.49
O1 GOL V . 29.26 28.13 -25.85
C2 GOL V . 30.04 30.00 -24.39
O2 GOL V . 29.07 30.98 -24.11
C3 GOL V . 31.18 29.94 -23.28
O3 GOL V . 30.57 29.87 -22.02
C1 GOL W . 17.46 16.12 -11.11
O1 GOL W . 17.02 16.45 -12.43
C2 GOL W . 16.18 15.63 -10.32
O2 GOL W . 16.37 15.37 -8.94
C3 GOL W . 15.08 16.72 -10.66
O3 GOL W . 14.32 16.20 -11.76
C1 GOL X . 9.38 39.19 -0.48
O1 GOL X . 10.34 38.21 -0.80
C2 GOL X . 8.50 38.58 0.65
O2 GOL X . 8.71 39.15 1.89
C3 GOL X . 7.07 38.75 0.15
O3 GOL X . 6.36 37.66 0.68
P PO4 Y . -14.91 31.88 -0.66
O1 PO4 Y . -14.01 32.71 0.22
O2 PO4 Y . -16.08 32.71 -1.16
O3 PO4 Y . -14.15 31.40 -1.87
O4 PO4 Y . -15.43 30.69 0.13
MG MG Z . -21.63 40.62 -4.25
C1 GOL AA . -33.54 36.10 18.76
O1 GOL AA . -32.77 37.25 19.00
C2 GOL AA . -33.40 35.82 17.25
O2 GOL AA . -33.28 34.49 16.93
C3 GOL AA . -34.62 36.49 16.60
O3 GOL AA . -34.11 37.62 15.96
P PO4 BA . 28.64 -27.01 -17.44
O1 PO4 BA . 27.91 -27.60 -16.24
O2 PO4 BA . 28.85 -25.52 -17.25
O3 PO4 BA . 29.97 -27.70 -17.57
O4 PO4 BA . 27.83 -27.21 -18.71
#